data_7YQF
#
_entry.id   7YQF
#
_cell.length_a   57.570
_cell.length_b   80.752
_cell.length_c   163.143
_cell.angle_alpha   90.000
_cell.angle_beta   90.000
_cell.angle_gamma   90.000
#
_symmetry.space_group_name_H-M   'P 21 21 21'
#
loop_
_entity.id
_entity.type
_entity.pdbx_description
1 polymer "cAMP-specific 3',5'-cyclic phosphodiesterase 4D"
2 non-polymer 'ZINC ION'
3 non-polymer 'MAGNESIUM ION'
4 non-polymer 3-[3-(3-methylbut-2-enyl)-4,5-bis(oxidanyl)phenyl]-5,7-bis(oxidanyl)chromen-4-one
5 non-polymer 1,2-ETHANEDIOL
6 water water
#
_entity_poly.entity_id   1
_entity_poly.type   'polypeptide(L)'
_entity_poly.pdbx_seq_one_letter_code
;MGSSHHHHHHSSGLVPRGSHMTEQEDVLAKELEDVNKWGLHVFRIAELSGNRPLTVIMHTIFQERDLLKTFKIPVDTLIT
YLMTLEDHYHADVAYHNNIHAADVVQSTHVLLSTPALEAVFTDLEILAAIFASAIHDVDHPGVSNQFLINTNSELALMYN
DSSVLENHHLAVGFKLLQEENCDIFQNLTKKQRQSLRKMVIDIVLATDMSKHMNLLADLKTMVETKKVTSSGVLLLDNYS
DRIQVLQNMVHCADLSNPTKPLQLYRQWTDRIMEEFFRQGDRERERGMEISPMCDKHNASVEKSQVGFIDYIVHPLWETW
ADLVHPDAQDILDTLEDNREWYQSTIPQS
;
_entity_poly.pdbx_strand_id   A,B
#
loop_
_chem_comp.id
_chem_comp.type
_chem_comp.name
_chem_comp.formula
EDO non-polymer 1,2-ETHANEDIOL 'C2 H6 O2'
JN0 non-polymer 3-[3-(3-methylbut-2-enyl)-4,5-bis(oxidanyl)phenyl]-5,7-bis(oxidanyl)chromen-4-one 'C20 H18 O6'
MG non-polymer 'MAGNESIUM ION' 'Mg 2'
ZN non-polymer 'ZINC ION' 'Zn 2'
#
# COMPACT_ATOMS: atom_id res chain seq x y z
N GLN A 24 -21.96 -3.55 40.03
CA GLN A 24 -21.49 -2.94 38.80
C GLN A 24 -21.27 -3.98 37.71
N GLU A 25 -20.77 -5.15 38.10
CA GLU A 25 -20.65 -6.25 37.14
C GLU A 25 -22.01 -6.69 36.66
N ASP A 26 -23.00 -6.73 37.57
CA ASP A 26 -24.37 -7.09 37.19
C ASP A 26 -24.93 -6.12 36.17
N VAL A 27 -24.72 -4.81 36.38
CA VAL A 27 -25.21 -3.82 35.43
C VAL A 27 -24.49 -3.94 34.09
N LEU A 28 -23.17 -4.20 34.11
CA LEU A 28 -22.44 -4.44 32.87
C LEU A 28 -23.05 -5.60 32.10
N ALA A 29 -23.31 -6.71 32.80
CA ALA A 29 -23.83 -7.89 32.13
C ALA A 29 -25.20 -7.61 31.52
N LYS A 30 -26.03 -6.87 32.24
CA LYS A 30 -27.34 -6.50 31.70
C LYS A 30 -27.19 -5.67 30.44
N GLU A 31 -26.29 -4.70 30.45
CA GLU A 31 -26.12 -3.87 29.26
C GLU A 31 -25.60 -4.68 28.09
N LEU A 32 -24.76 -5.68 28.35
CA LEU A 32 -24.22 -6.48 27.26
C LEU A 32 -25.28 -7.40 26.65
N GLU A 33 -26.41 -7.59 27.33
CA GLU A 33 -27.53 -8.32 26.71
C GLU A 33 -28.04 -7.61 25.46
N ASP A 34 -27.74 -6.32 25.28
CA ASP A 34 -28.17 -5.55 24.12
C ASP A 34 -27.22 -5.64 22.95
N VAL A 35 -26.28 -6.58 22.96
CA VAL A 35 -25.23 -6.56 21.95
C VAL A 35 -25.75 -6.81 20.53
N ASN A 36 -26.94 -7.39 20.38
CA ASN A 36 -27.49 -7.58 19.04
C ASN A 36 -28.31 -6.39 18.57
N LYS A 37 -28.32 -5.27 19.30
CA LYS A 37 -29.23 -4.17 19.03
C LYS A 37 -28.48 -2.94 18.55
N TRP A 38 -29.06 -2.26 17.55
CA TRP A 38 -28.55 -0.95 17.13
C TRP A 38 -28.89 0.06 18.21
N GLY A 39 -27.88 0.81 18.68
CA GLY A 39 -28.09 1.75 19.77
C GLY A 39 -27.67 1.26 21.16
N LEU A 40 -26.93 0.15 21.24
CA LEU A 40 -26.26 -0.27 22.45
C LEU A 40 -25.66 0.91 23.21
N HIS A 41 -25.75 0.86 24.56
CA HIS A 41 -25.20 1.94 25.38
C HIS A 41 -23.69 1.75 25.53
N VAL A 42 -22.96 2.06 24.45
CA VAL A 42 -21.54 1.71 24.40
C VAL A 42 -20.73 2.58 25.33
N PHE A 43 -21.15 3.83 25.56
CA PHE A 43 -20.41 4.67 26.49
C PHE A 43 -20.61 4.20 27.91
N ARG A 44 -21.82 3.74 28.23
CA ARG A 44 -22.03 3.18 29.56
C ARG A 44 -21.23 1.91 29.74
N ILE A 45 -21.19 1.05 28.73
CA ILE A 45 -20.40 -0.16 28.82
C ILE A 45 -18.92 0.17 29.00
N ALA A 46 -18.44 1.24 28.34
CA ALA A 46 -17.04 1.64 28.54
C ALA A 46 -16.78 1.98 29.99
N GLU A 47 -17.70 2.71 30.65
CA GLU A 47 -17.53 3.06 32.05
C GLU A 47 -17.63 1.84 32.94
N LEU A 48 -18.67 1.03 32.72
CA LEU A 48 -18.97 -0.08 33.62
C LEU A 48 -17.88 -1.15 33.56
N SER A 49 -17.21 -1.26 32.42
CA SER A 49 -16.15 -2.24 32.22
C SER A 49 -14.78 -1.72 32.62
N GLY A 50 -14.70 -0.51 33.17
CA GLY A 50 -13.40 0.01 33.54
C GLY A 50 -12.57 0.37 32.32
N ASN A 51 -13.21 1.03 31.35
CA ASN A 51 -12.58 1.41 30.07
C ASN A 51 -12.09 0.19 29.30
N ARG A 52 -12.86 -0.90 29.35
CA ARG A 52 -12.56 -2.05 28.51
C ARG A 52 -13.75 -2.39 27.60
N PRO A 53 -14.33 -1.40 26.93
CA PRO A 53 -15.45 -1.74 26.04
C PRO A 53 -15.07 -2.67 24.91
N LEU A 54 -13.90 -2.48 24.29
CA LEU A 54 -13.52 -3.35 23.18
C LEU A 54 -13.39 -4.80 23.63
N THR A 55 -12.78 -5.03 24.79
CA THR A 55 -12.57 -6.38 25.30
C THR A 55 -13.90 -7.04 25.63
N VAL A 56 -14.76 -6.34 26.37
CA VAL A 56 -15.94 -7.06 26.81
C VAL A 56 -16.93 -7.21 25.66
N ILE A 57 -16.98 -6.26 24.73
CA ILE A 57 -17.90 -6.40 23.61
C ILE A 57 -17.43 -7.47 22.64
N MET A 58 -16.13 -7.49 22.32
CA MET A 58 -15.59 -8.59 21.51
C MET A 58 -15.81 -9.94 22.17
N HIS A 59 -15.50 -10.06 23.47
CA HIS A 59 -15.73 -11.34 24.14
C HIS A 59 -17.19 -11.74 24.04
N THR A 60 -18.11 -10.80 24.28
CA THR A 60 -19.53 -11.13 24.24
C THR A 60 -19.93 -11.60 22.85
N ILE A 61 -19.48 -10.89 21.81
CA ILE A 61 -19.82 -11.25 20.44
C ILE A 61 -19.22 -12.58 20.05
N PHE A 62 -17.97 -12.86 20.46
CA PHE A 62 -17.39 -14.16 20.17
C PHE A 62 -18.18 -15.29 20.83
N GLN A 63 -18.68 -15.07 22.07
CA GLN A 63 -19.51 -16.09 22.69
C GLN A 63 -20.85 -16.23 21.97
N GLU A 64 -21.47 -15.10 21.61
CA GLU A 64 -22.77 -15.12 20.93
C GLU A 64 -22.71 -15.88 19.62
N ARG A 65 -21.61 -15.74 18.86
CA ARG A 65 -21.45 -16.40 17.58
C ARG A 65 -20.72 -17.73 17.69
N ASP A 66 -20.40 -18.17 18.90
CA ASP A 66 -19.75 -19.47 19.13
C ASP A 66 -18.39 -19.55 18.45
N LEU A 67 -17.72 -18.40 18.36
CA LEU A 67 -16.46 -18.35 17.60
C LEU A 67 -15.30 -19.01 18.35
N LEU A 68 -15.31 -18.97 19.69
CA LEU A 68 -14.25 -19.67 20.42
C LEU A 68 -14.31 -21.17 20.14
N LYS A 69 -15.50 -21.75 20.15
CA LYS A 69 -15.59 -23.19 19.89
C LYS A 69 -15.25 -23.48 18.42
N THR A 70 -15.80 -22.69 17.51
CA THR A 70 -15.62 -22.97 16.08
C THR A 70 -14.15 -22.94 15.70
N PHE A 71 -13.41 -21.97 16.22
CA PHE A 71 -12.00 -21.83 15.84
C PHE A 71 -11.06 -22.25 16.96
N LYS A 72 -11.56 -22.95 17.97
CA LYS A 72 -10.72 -23.48 19.04
C LYS A 72 -9.82 -22.39 19.61
N ILE A 73 -10.42 -21.26 19.93
CA ILE A 73 -9.72 -20.12 20.51
C ILE A 73 -9.73 -20.28 22.02
N PRO A 74 -8.57 -20.46 22.68
CA PRO A 74 -8.58 -20.50 24.15
C PRO A 74 -9.06 -19.17 24.72
N VAL A 75 -9.90 -19.25 25.74
CA VAL A 75 -10.53 -18.03 26.23
C VAL A 75 -9.49 -17.07 26.81
N ASP A 76 -8.47 -17.60 27.50
CA ASP A 76 -7.44 -16.75 28.09
C ASP A 76 -6.62 -16.07 27.01
N THR A 77 -6.35 -16.78 25.90
CA THR A 77 -5.68 -16.16 24.75
C THR A 77 -6.53 -15.03 24.15
N LEU A 78 -7.83 -15.25 23.96
CA LEU A 78 -8.70 -14.20 23.44
C LEU A 78 -8.69 -12.96 24.35
N ILE A 79 -8.83 -13.17 25.65
CA ILE A 79 -8.86 -12.02 26.56
C ILE A 79 -7.52 -11.32 26.59
N THR A 80 -6.42 -12.09 26.55
CA THR A 80 -5.10 -11.47 26.59
C THR A 80 -4.86 -10.64 25.33
N TYR A 81 -5.20 -11.19 24.17
CA TYR A 81 -5.06 -10.41 22.94
C TYR A 81 -5.94 -9.17 22.98
N LEU A 82 -7.22 -9.33 23.34
CA LEU A 82 -8.12 -8.18 23.31
C LEU A 82 -7.65 -7.07 24.24
N MET A 83 -7.16 -7.43 25.43
N MET A 83 -7.10 -7.43 25.41
CA MET A 83 -6.64 -6.42 26.33
CA MET A 83 -6.66 -6.40 26.34
C MET A 83 -5.47 -5.69 25.69
C MET A 83 -5.37 -5.72 25.85
N THR A 84 -4.53 -6.45 25.12
CA THR A 84 -3.35 -5.83 24.51
C THR A 84 -3.74 -4.94 23.32
N LEU A 85 -4.64 -5.42 22.48
CA LEU A 85 -5.17 -4.62 21.37
C LEU A 85 -5.80 -3.34 21.91
N GLU A 86 -6.64 -3.46 22.94
CA GLU A 86 -7.32 -2.29 23.49
C GLU A 86 -6.32 -1.31 24.07
N ASP A 87 -5.26 -1.81 24.72
CA ASP A 87 -4.19 -0.97 25.23
C ASP A 87 -3.55 -0.12 24.14
N HIS A 88 -3.50 -0.64 22.91
CA HIS A 88 -2.82 0.10 21.85
C HIS A 88 -3.71 1.10 21.15
N TYR A 89 -4.97 1.24 21.55
CA TYR A 89 -5.71 2.45 21.23
C TYR A 89 -5.31 3.54 22.21
N HIS A 90 -5.38 4.80 21.77
CA HIS A 90 -4.91 5.92 22.59
C HIS A 90 -6.05 6.43 23.47
N ALA A 91 -5.87 6.34 24.77
CA ALA A 91 -6.92 6.84 25.65
C ALA A 91 -6.96 8.37 25.69
N ASP A 92 -5.96 9.05 25.14
CA ASP A 92 -5.98 10.51 25.08
C ASP A 92 -6.42 11.05 23.72
N VAL A 93 -7.01 10.22 22.86
CA VAL A 93 -7.60 10.66 21.61
C VAL A 93 -9.12 10.61 21.76
N ALA A 94 -9.80 11.73 21.46
CA ALA A 94 -11.19 11.85 21.88
C ALA A 94 -12.14 10.96 21.10
N TYR A 95 -11.87 10.72 19.81
CA TYR A 95 -12.76 9.92 18.99
C TYR A 95 -12.16 8.60 18.57
N HIS A 96 -10.97 8.61 17.95
CA HIS A 96 -10.39 7.39 17.40
C HIS A 96 -9.70 6.54 18.47
N ASN A 97 -10.52 6.02 19.38
CA ASN A 97 -10.03 5.32 20.56
C ASN A 97 -10.73 3.96 20.69
N ASN A 98 -10.54 3.30 21.84
CA ASN A 98 -11.10 1.96 22.03
C ASN A 98 -12.63 1.94 22.04
N ILE A 99 -13.28 3.05 22.41
CA ILE A 99 -14.75 3.06 22.38
C ILE A 99 -15.25 3.08 20.95
N HIS A 100 -14.58 3.87 20.08
CA HIS A 100 -14.91 3.81 18.66
C HIS A 100 -14.72 2.40 18.11
N ALA A 101 -13.59 1.76 18.44
CA ALA A 101 -13.36 0.39 17.97
C ALA A 101 -14.46 -0.55 18.44
N ALA A 102 -14.83 -0.48 19.72
CA ALA A 102 -15.89 -1.33 20.24
C ALA A 102 -17.19 -1.09 19.49
N ASP A 103 -17.49 0.19 19.25
CA ASP A 103 -18.71 0.57 18.54
C ASP A 103 -18.72 0.02 17.12
N VAL A 104 -17.59 0.14 16.40
CA VAL A 104 -17.56 -0.36 15.03
C VAL A 104 -17.69 -1.89 15.00
N VAL A 105 -17.02 -2.58 15.94
CA VAL A 105 -17.21 -4.02 16.12
C VAL A 105 -18.69 -4.38 16.30
N GLN A 106 -19.35 -3.70 17.24
CA GLN A 106 -20.70 -4.10 17.54
C GLN A 106 -21.64 -3.75 16.39
N SER A 107 -21.35 -2.66 15.69
CA SER A 107 -22.19 -2.28 14.55
C SER A 107 -22.03 -3.28 13.42
N THR A 108 -20.78 -3.69 13.13
CA THR A 108 -20.54 -4.76 12.14
C THR A 108 -21.25 -6.04 12.54
N HIS A 109 -21.19 -6.40 13.83
CA HIS A 109 -21.88 -7.60 14.31
C HIS A 109 -23.37 -7.54 14.02
N VAL A 110 -24.01 -6.38 14.24
CA VAL A 110 -25.42 -6.25 13.92
C VAL A 110 -25.65 -6.33 12.41
N LEU A 111 -24.82 -5.65 11.62
CA LEU A 111 -25.01 -5.68 10.16
C LEU A 111 -24.84 -7.08 9.60
N LEU A 112 -23.93 -7.88 10.17
CA LEU A 112 -23.72 -9.26 9.72
C LEU A 112 -24.93 -10.13 9.95
N SER A 113 -25.78 -9.77 10.93
CA SER A 113 -26.97 -10.55 11.29
C SER A 113 -28.20 -10.20 10.46
N THR A 114 -28.07 -9.35 9.47
CA THR A 114 -29.24 -8.87 8.78
C THR A 114 -29.87 -10.00 7.98
N PRO A 115 -31.20 -10.07 7.91
CA PRO A 115 -31.85 -11.22 7.25
C PRO A 115 -31.38 -11.45 5.82
N ALA A 116 -31.12 -10.38 5.07
CA ALA A 116 -30.71 -10.49 3.67
C ALA A 116 -29.36 -11.14 3.50
N LEU A 117 -28.60 -11.32 4.58
CA LEU A 117 -27.28 -11.94 4.53
C LEU A 117 -27.25 -13.27 5.26
N GLU A 118 -28.40 -13.85 5.58
CA GLU A 118 -28.41 -15.08 6.35
C GLU A 118 -27.74 -16.20 5.58
N ALA A 119 -26.74 -16.82 6.22
CA ALA A 119 -25.97 -17.94 5.68
C ALA A 119 -25.22 -17.57 4.40
N VAL A 120 -24.97 -16.29 4.19
CA VAL A 120 -24.19 -15.88 3.03
C VAL A 120 -22.71 -16.04 3.29
N PHE A 121 -22.24 -15.64 4.46
CA PHE A 121 -20.81 -15.63 4.78
C PHE A 121 -20.41 -16.82 5.64
N THR A 122 -19.22 -17.33 5.36
CA THR A 122 -18.67 -18.40 6.18
C THR A 122 -18.26 -17.89 7.56
N ASP A 123 -18.08 -18.83 8.48
CA ASP A 123 -17.53 -18.50 9.79
C ASP A 123 -16.21 -17.75 9.67
N LEU A 124 -15.35 -18.13 8.73
CA LEU A 124 -14.07 -17.44 8.59
C LEU A 124 -14.27 -16.00 8.13
N GLU A 125 -15.22 -15.76 7.23
CA GLU A 125 -15.48 -14.40 6.74
C GLU A 125 -16.08 -13.53 7.85
N ILE A 126 -16.99 -14.12 8.64
CA ILE A 126 -17.52 -13.47 9.84
C ILE A 126 -16.40 -13.11 10.80
N LEU A 127 -15.50 -14.07 11.08
CA LEU A 127 -14.35 -13.80 11.94
C LEU A 127 -13.49 -12.66 11.36
N ALA A 128 -13.28 -12.67 10.04
CA ALA A 128 -12.46 -11.61 9.43
C ALA A 128 -13.10 -10.24 9.59
N ALA A 129 -14.42 -10.13 9.33
CA ALA A 129 -15.08 -8.83 9.42
C ALA A 129 -15.05 -8.29 10.85
N ILE A 130 -15.29 -9.15 11.83
CA ILE A 130 -15.28 -8.70 13.22
C ILE A 130 -13.85 -8.35 13.67
N PHE A 131 -12.87 -9.21 13.37
CA PHE A 131 -11.49 -8.91 13.73
C PHE A 131 -11.01 -7.62 13.06
N ALA A 132 -11.34 -7.45 11.77
CA ALA A 132 -10.99 -6.23 11.04
C ALA A 132 -11.57 -5.02 11.73
N SER A 133 -12.83 -5.10 12.13
CA SER A 133 -13.44 -3.98 12.85
C SER A 133 -12.70 -3.66 14.13
N ALA A 134 -12.28 -4.69 14.87
CA ALA A 134 -11.63 -4.47 16.17
C ALA A 134 -10.30 -3.77 16.03
N ILE A 135 -9.52 -4.11 14.98
CA ILE A 135 -8.19 -3.55 14.82
C ILE A 135 -8.17 -2.30 13.95
N HIS A 136 -9.31 -1.89 13.39
CA HIS A 136 -9.27 -1.05 12.20
C HIS A 136 -8.73 0.35 12.44
N ASP A 137 -8.68 0.82 13.71
CA ASP A 137 -8.09 2.13 13.99
C ASP A 137 -7.01 2.05 15.08
N VAL A 138 -6.39 0.87 15.30
CA VAL A 138 -5.54 0.72 16.48
C VAL A 138 -4.30 1.61 16.35
N ASP A 139 -3.90 2.22 17.46
CA ASP A 139 -2.76 3.14 17.52
C ASP A 139 -3.01 4.39 16.67
N HIS A 140 -4.26 4.79 16.49
CA HIS A 140 -4.57 6.05 15.77
C HIS A 140 -4.08 7.24 16.58
N PRO A 141 -3.31 8.16 15.99
CA PRO A 141 -2.77 9.29 16.74
C PRO A 141 -3.70 10.47 16.86
N GLY A 142 -4.90 10.40 16.25
CA GLY A 142 -5.83 11.51 16.34
C GLY A 142 -5.65 12.61 15.33
N VAL A 143 -4.90 12.36 14.24
CA VAL A 143 -4.77 13.30 13.14
C VAL A 143 -4.93 12.49 11.86
N SER A 144 -5.27 13.20 10.78
CA SER A 144 -5.67 12.54 9.54
C SER A 144 -4.46 12.12 8.71
N ASN A 145 -4.74 11.30 7.69
CA ASN A 145 -3.70 10.96 6.72
C ASN A 145 -3.09 12.19 6.09
N GLN A 146 -3.92 13.16 5.67
CA GLN A 146 -3.35 14.34 5.01
C GLN A 146 -2.44 15.11 5.95
N PHE A 147 -2.82 15.24 7.22
CA PHE A 147 -1.94 15.88 8.19
C PHE A 147 -0.60 15.16 8.28
N LEU A 148 -0.64 13.83 8.38
CA LEU A 148 0.59 13.04 8.49
C LEU A 148 1.43 13.17 7.22
N ILE A 149 0.79 13.27 6.06
CA ILE A 149 1.56 13.45 4.82
C ILE A 149 2.19 14.83 4.77
N ASN A 150 1.41 15.87 5.08
CA ASN A 150 1.87 17.24 4.93
C ASN A 150 2.88 17.65 5.98
N THR A 151 2.95 16.95 7.11
CA THR A 151 3.92 17.23 8.14
C THR A 151 5.14 16.32 8.05
N ASN A 152 5.23 15.52 6.98
CA ASN A 152 6.41 14.69 6.72
C ASN A 152 6.67 13.72 7.86
N SER A 153 5.58 13.12 8.36
CA SER A 153 5.65 12.26 9.52
C SER A 153 6.38 10.96 9.22
N GLU A 154 6.87 10.31 10.29
CA GLU A 154 7.50 9.01 10.12
C GLU A 154 6.53 7.99 9.52
N LEU A 155 5.26 8.03 9.94
CA LEU A 155 4.27 7.12 9.38
C LEU A 155 4.12 7.32 7.88
N ALA A 156 4.07 8.58 7.44
CA ALA A 156 3.86 8.80 6.01
C ALA A 156 5.11 8.44 5.23
N LEU A 157 6.29 8.58 5.85
CA LEU A 157 7.53 8.13 5.23
C LEU A 157 7.57 6.61 5.12
N MET A 158 7.07 5.91 6.14
CA MET A 158 7.03 4.45 6.07
C MET A 158 6.14 3.96 4.95
N TYR A 159 4.99 4.61 4.77
CA TYR A 159 3.93 4.07 3.93
C TYR A 159 3.76 4.83 2.61
N ASN A 160 4.70 5.70 2.26
CA ASN A 160 4.74 6.31 0.92
C ASN A 160 3.42 7.03 0.61
N ASP A 161 2.91 7.69 1.65
CA ASP A 161 1.73 8.57 1.58
C ASP A 161 0.45 7.83 1.18
N SER A 162 0.45 6.50 1.21
CA SER A 162 -0.66 5.71 0.67
C SER A 162 -1.35 4.94 1.79
N SER A 163 -2.63 5.26 2.04
CA SER A 163 -3.40 4.68 3.16
C SER A 163 -2.52 4.55 4.40
N VAL A 164 -1.96 5.69 4.82
CA VAL A 164 -0.89 5.69 5.81
C VAL A 164 -1.39 5.11 7.12
N LEU A 165 -2.48 5.68 7.66
CA LEU A 165 -3.01 5.19 8.92
C LEU A 165 -3.46 3.74 8.80
N GLU A 166 -4.18 3.43 7.71
CA GLU A 166 -4.82 2.13 7.60
C GLU A 166 -3.80 1.01 7.49
N ASN A 167 -2.71 1.26 6.76
CA ASN A 167 -1.62 0.27 6.74
C ASN A 167 -1.06 0.07 8.14
N HIS A 168 -0.90 1.16 8.88
CA HIS A 168 -0.37 1.09 10.24
C HIS A 168 -1.31 0.32 11.16
N HIS A 169 -2.62 0.58 11.08
CA HIS A 169 -3.55 -0.14 11.93
C HIS A 169 -3.44 -1.65 11.72
N LEU A 170 -3.36 -2.06 10.45
CA LEU A 170 -3.21 -3.48 10.12
C LEU A 170 -1.93 -4.04 10.71
N ALA A 171 -0.82 -3.34 10.49
CA ALA A 171 0.47 -3.87 10.93
C ALA A 171 0.48 -4.05 12.44
N VAL A 172 -0.09 -3.09 13.18
CA VAL A 172 -0.12 -3.22 14.63
C VAL A 172 -1.05 -4.36 15.05
N GLY A 173 -2.24 -4.40 14.44
CA GLY A 173 -3.23 -5.39 14.85
C GLY A 173 -2.70 -6.80 14.63
N PHE A 174 -2.00 -7.03 13.52
CA PHE A 174 -1.43 -8.35 13.28
C PHE A 174 -0.20 -8.61 14.15
N LYS A 175 0.67 -7.59 14.34
CA LYS A 175 1.89 -7.79 15.12
C LYS A 175 1.56 -8.16 16.57
N LEU A 176 0.46 -7.63 17.11
CA LEU A 176 0.14 -7.93 18.49
C LEU A 176 -0.23 -9.40 18.70
N LEU A 177 -0.67 -10.09 17.65
CA LEU A 177 -0.91 -11.53 17.74
C LEU A 177 0.32 -12.30 18.16
N GLN A 178 1.52 -11.76 17.94
CA GLN A 178 2.76 -12.45 18.28
C GLN A 178 3.21 -12.23 19.71
N GLU A 179 2.48 -11.43 20.49
CA GLU A 179 2.83 -11.25 21.90
C GLU A 179 2.43 -12.49 22.69
N GLU A 180 2.94 -12.57 23.92
CA GLU A 180 2.78 -13.78 24.72
C GLU A 180 1.30 -14.08 24.92
N ASN A 181 0.91 -15.31 24.56
CA ASN A 181 -0.45 -15.82 24.68
C ASN A 181 -1.46 -14.91 24.00
N CYS A 182 -1.09 -14.41 22.83
CA CYS A 182 -1.97 -13.53 22.09
C CYS A 182 -2.40 -14.09 20.74
N ASP A 183 -1.92 -15.27 20.30
CA ASP A 183 -2.30 -15.70 18.94
C ASP A 183 -3.65 -16.39 19.00
N ILE A 184 -4.70 -15.57 18.86
CA ILE A 184 -6.05 -16.12 18.88
C ILE A 184 -6.32 -17.01 17.68
N PHE A 185 -5.48 -16.95 16.64
CA PHE A 185 -5.67 -17.77 15.45
C PHE A 185 -4.76 -19.00 15.46
N GLN A 186 -4.23 -19.36 16.63
CA GLN A 186 -3.26 -20.46 16.72
C GLN A 186 -3.79 -21.78 16.19
N ASN A 187 -5.10 -22.01 16.25
CA ASN A 187 -5.62 -23.31 15.83
C ASN A 187 -6.32 -23.27 14.48
N LEU A 188 -6.24 -22.17 13.73
CA LEU A 188 -6.71 -22.18 12.34
C LEU A 188 -5.74 -22.98 11.48
N THR A 189 -6.24 -23.56 10.40
CA THR A 189 -5.32 -24.18 9.46
C THR A 189 -4.47 -23.11 8.78
N LYS A 190 -3.42 -23.56 8.08
CA LYS A 190 -2.59 -22.60 7.35
C LYS A 190 -3.42 -21.88 6.27
N LYS A 191 -4.25 -22.62 5.54
CA LYS A 191 -5.07 -22.00 4.51
C LYS A 191 -6.05 -21.01 5.13
N GLN A 192 -6.63 -21.35 6.29
CA GLN A 192 -7.55 -20.42 6.95
C GLN A 192 -6.85 -19.14 7.38
N ARG A 193 -5.66 -19.28 7.99
CA ARG A 193 -4.89 -18.12 8.38
C ARG A 193 -4.57 -17.22 7.18
N GLN A 194 -4.18 -17.81 6.07
CA GLN A 194 -3.82 -17.04 4.88
C GLN A 194 -5.03 -16.30 4.31
N SER A 195 -6.17 -16.99 4.24
CA SER A 195 -7.40 -16.36 3.76
C SER A 195 -7.86 -15.24 4.71
N LEU A 196 -7.85 -15.51 6.01
CA LEU A 196 -8.28 -14.49 6.96
C LEU A 196 -7.39 -13.25 6.88
N ARG A 197 -6.06 -13.45 6.78
CA ARG A 197 -5.15 -12.31 6.71
C ARG A 197 -5.45 -11.46 5.48
N LYS A 198 -5.65 -12.11 4.33
CA LYS A 198 -5.95 -11.34 3.11
C LYS A 198 -7.25 -10.56 3.27
N MET A 199 -8.29 -11.20 3.83
CA MET A 199 -9.59 -10.53 3.92
C MET A 199 -9.54 -9.36 4.88
N VAL A 200 -8.84 -9.54 6.02
CA VAL A 200 -8.71 -8.45 6.99
C VAL A 200 -7.99 -7.26 6.37
N ILE A 201 -6.90 -7.52 5.62
CA ILE A 201 -6.20 -6.44 4.93
C ILE A 201 -7.14 -5.72 3.97
N ASP A 202 -7.86 -6.49 3.14
CA ASP A 202 -8.73 -5.87 2.15
C ASP A 202 -9.81 -5.03 2.84
N ILE A 203 -10.29 -5.48 4.00
CA ILE A 203 -11.34 -4.73 4.68
C ILE A 203 -10.79 -3.44 5.31
N VAL A 204 -9.69 -3.52 6.06
CA VAL A 204 -9.21 -2.33 6.76
C VAL A 204 -8.70 -1.30 5.75
N LEU A 205 -8.08 -1.72 4.65
CA LEU A 205 -7.65 -0.72 3.67
C LEU A 205 -8.84 0.03 3.07
N ALA A 206 -10.02 -0.59 3.03
CA ALA A 206 -11.20 0.07 2.47
C ALA A 206 -11.81 1.09 3.43
N THR A 207 -11.29 1.17 4.69
CA THR A 207 -11.77 2.18 5.62
C THR A 207 -11.08 3.51 5.41
N ASP A 208 -10.07 3.58 4.55
CA ASP A 208 -9.47 4.85 4.15
C ASP A 208 -10.52 5.72 3.46
N MET A 209 -10.80 6.90 4.04
CA MET A 209 -11.87 7.73 3.49
C MET A 209 -11.56 8.24 2.10
N SER A 210 -10.30 8.24 1.67
CA SER A 210 -10.00 8.65 0.31
C SER A 210 -10.51 7.64 -0.71
N LYS A 211 -10.88 6.43 -0.27
CA LYS A 211 -11.46 5.41 -1.13
C LYS A 211 -12.99 5.41 -1.13
N HIS A 212 -13.61 6.31 -0.37
CA HIS A 212 -15.05 6.21 -0.15
C HIS A 212 -15.83 6.35 -1.47
N MET A 213 -15.48 7.34 -2.29
CA MET A 213 -16.28 7.58 -3.48
C MET A 213 -16.23 6.38 -4.41
N ASN A 214 -15.06 5.77 -4.58
CA ASN A 214 -14.96 4.62 -5.48
C ASN A 214 -15.61 3.39 -4.86
N LEU A 215 -15.50 3.24 -3.54
CA LEU A 215 -16.19 2.14 -2.90
C LEU A 215 -17.70 2.27 -3.07
N LEU A 216 -18.24 3.48 -2.86
CA LEU A 216 -19.68 3.67 -3.00
C LEU A 216 -20.12 3.46 -4.44
N ALA A 217 -19.36 3.98 -5.39
CA ALA A 217 -19.71 3.77 -6.79
C ALA A 217 -19.84 2.29 -7.10
N ASP A 218 -18.89 1.47 -6.61
CA ASP A 218 -18.96 0.03 -6.86
C ASP A 218 -20.13 -0.62 -6.15
N LEU A 219 -20.43 -0.17 -4.93
CA LEU A 219 -21.58 -0.72 -4.22
C LEU A 219 -22.87 -0.41 -4.97
N LYS A 220 -22.98 0.81 -5.51
CA LYS A 220 -24.17 1.16 -6.30
C LYS A 220 -24.29 0.25 -7.51
N THR A 221 -23.18 -0.03 -8.20
CA THR A 221 -23.22 -0.96 -9.32
C THR A 221 -23.72 -2.33 -8.90
N MET A 222 -23.28 -2.82 -7.74
CA MET A 222 -23.75 -4.10 -7.23
C MET A 222 -25.25 -4.06 -6.93
N VAL A 223 -25.73 -3.00 -6.27
CA VAL A 223 -27.17 -2.92 -6.02
C VAL A 223 -27.96 -2.95 -7.32
N GLU A 224 -27.50 -2.20 -8.32
CA GLU A 224 -28.24 -2.12 -9.58
C GLU A 224 -28.28 -3.46 -10.31
N THR A 225 -27.33 -4.36 -10.04
CA THR A 225 -27.22 -5.64 -10.73
C THR A 225 -27.39 -6.80 -9.76
N LYS A 226 -28.00 -6.59 -8.60
CA LYS A 226 -27.84 -7.59 -7.56
C LYS A 226 -28.66 -8.83 -7.86
N LYS A 227 -28.17 -9.97 -7.40
CA LYS A 227 -28.87 -11.24 -7.55
C LYS A 227 -29.27 -11.76 -6.18
N VAL A 228 -30.43 -12.39 -6.10
CA VAL A 228 -30.91 -12.99 -4.86
C VAL A 228 -31.20 -14.46 -5.11
N THR A 229 -31.00 -15.27 -4.07
CA THR A 229 -31.23 -16.71 -4.15
C THR A 229 -32.72 -17.03 -3.96
N SER A 230 -33.04 -18.33 -4.09
CA SER A 230 -34.40 -18.79 -3.86
C SER A 230 -34.88 -18.48 -2.45
N SER A 231 -33.97 -18.45 -1.48
CA SER A 231 -34.31 -18.09 -0.11
C SER A 231 -34.42 -16.58 0.10
N GLY A 232 -34.17 -15.77 -0.93
CA GLY A 232 -34.27 -14.32 -0.83
C GLY A 232 -33.04 -13.62 -0.32
N VAL A 233 -31.95 -14.32 -0.04
CA VAL A 233 -30.75 -13.69 0.46
C VAL A 233 -29.86 -13.29 -0.71
N LEU A 234 -28.90 -12.41 -0.44
CA LEU A 234 -27.99 -11.92 -1.46
C LEU A 234 -27.15 -13.05 -2.03
N LEU A 235 -27.00 -13.09 -3.36
CA LEU A 235 -26.17 -14.08 -4.02
C LEU A 235 -24.77 -13.50 -4.30
N LEU A 236 -23.74 -14.06 -3.66
CA LEU A 236 -22.36 -13.59 -3.78
C LEU A 236 -21.44 -14.78 -4.10
N ASP A 237 -21.13 -14.99 -5.37
CA ASP A 237 -20.50 -16.24 -5.77
C ASP A 237 -19.06 -16.08 -6.25
N ASN A 238 -18.36 -15.04 -5.79
CA ASN A 238 -16.95 -14.88 -6.12
C ASN A 238 -16.34 -13.98 -5.07
N TYR A 239 -15.01 -14.09 -4.92
CA TYR A 239 -14.34 -13.36 -3.85
C TYR A 239 -14.54 -11.86 -4.00
N SER A 240 -14.46 -11.36 -5.24
CA SER A 240 -14.58 -9.92 -5.46
C SER A 240 -15.90 -9.38 -4.91
N ASP A 241 -17.02 -10.07 -5.18
CA ASP A 241 -18.30 -9.59 -4.65
C ASP A 241 -18.39 -9.77 -3.14
N ARG A 242 -17.90 -10.90 -2.63
CA ARG A 242 -17.97 -11.16 -1.20
C ARG A 242 -17.17 -10.12 -0.42
N ILE A 243 -15.95 -9.84 -0.87
CA ILE A 243 -15.12 -8.92 -0.10
C ILE A 243 -15.64 -7.50 -0.28
N GLN A 244 -16.21 -7.19 -1.45
CA GLN A 244 -16.81 -5.87 -1.63
C GLN A 244 -17.92 -5.63 -0.61
N VAL A 245 -18.77 -6.63 -0.38
CA VAL A 245 -19.84 -6.44 0.60
C VAL A 245 -19.26 -6.28 2.01
N LEU A 246 -18.24 -7.06 2.36
CA LEU A 246 -17.66 -6.93 3.69
C LEU A 246 -16.95 -5.59 3.86
N GLN A 247 -16.31 -5.11 2.79
CA GLN A 247 -15.64 -3.81 2.84
C GLN A 247 -16.64 -2.71 3.08
N ASN A 248 -17.73 -2.71 2.33
CA ASN A 248 -18.74 -1.69 2.53
C ASN A 248 -19.44 -1.85 3.87
N MET A 249 -19.58 -3.08 4.37
CA MET A 249 -20.24 -3.30 5.65
C MET A 249 -19.46 -2.62 6.76
N VAL A 250 -18.14 -2.83 6.78
CA VAL A 250 -17.33 -2.25 7.83
C VAL A 250 -17.18 -0.75 7.64
N HIS A 251 -17.18 -0.29 6.38
CA HIS A 251 -17.16 1.16 6.14
C HIS A 251 -18.45 1.80 6.62
N CYS A 252 -19.61 1.16 6.37
CA CYS A 252 -20.87 1.65 6.94
C CYS A 252 -20.80 1.68 8.46
N ALA A 253 -20.26 0.61 9.08
CA ALA A 253 -20.16 0.58 10.54
C ALA A 253 -19.28 1.73 11.03
N ASP A 254 -18.19 1.97 10.31
CA ASP A 254 -17.28 3.05 10.66
C ASP A 254 -17.97 4.40 10.57
N LEU A 255 -18.88 4.55 9.60
CA LEU A 255 -19.64 5.77 9.37
C LEU A 255 -21.05 5.66 9.91
N SER A 256 -21.24 4.93 11.02
CA SER A 256 -22.59 4.68 11.50
C SER A 256 -23.06 5.68 12.57
N ASN A 257 -22.19 6.56 13.06
CA ASN A 257 -22.61 7.39 14.19
C ASN A 257 -23.87 8.20 13.90
N PRO A 258 -24.03 8.84 12.73
CA PRO A 258 -25.24 9.61 12.46
C PRO A 258 -26.50 8.76 12.33
N THR A 259 -26.37 7.44 12.29
CA THR A 259 -27.53 6.57 12.18
C THR A 259 -27.99 6.06 13.53
N LYS A 260 -27.26 6.42 14.60
CA LYS A 260 -27.58 5.97 15.96
C LYS A 260 -28.54 6.94 16.62
N PRO A 261 -29.25 6.47 17.66
CA PRO A 261 -30.06 7.39 18.45
C PRO A 261 -29.30 8.66 18.78
N LEU A 262 -30.04 9.78 18.80
CA LEU A 262 -29.42 11.10 18.81
C LEU A 262 -28.47 11.30 19.99
N GLN A 263 -28.79 10.74 21.16
CA GLN A 263 -27.91 10.98 22.30
C GLN A 263 -26.56 10.30 22.09
N LEU A 264 -26.53 9.19 21.36
CA LEU A 264 -25.25 8.59 20.98
C LEU A 264 -24.54 9.42 19.92
N TYR A 265 -25.26 9.75 18.85
CA TYR A 265 -24.69 10.56 17.77
C TYR A 265 -24.09 11.84 18.30
N ARG A 266 -24.80 12.54 19.20
CA ARG A 266 -24.26 13.80 19.69
C ARG A 266 -22.97 13.62 20.49
N GLN A 267 -22.85 12.54 21.26
CA GLN A 267 -21.60 12.27 21.98
C GLN A 267 -20.47 12.00 21.00
N TRP A 268 -20.73 11.23 19.94
CA TRP A 268 -19.70 11.00 18.93
C TRP A 268 -19.28 12.31 18.26
N THR A 269 -20.24 13.20 18.00
CA THR A 269 -19.92 14.47 17.36
C THR A 269 -19.07 15.35 18.26
N ASP A 270 -19.42 15.40 19.56
CA ASP A 270 -18.62 16.14 20.53
C ASP A 270 -17.18 15.64 20.50
N ARG A 271 -17.00 14.34 20.40
CA ARG A 271 -15.67 13.77 20.44
C ARG A 271 -14.90 14.06 19.15
N ILE A 272 -15.52 13.86 17.99
CA ILE A 272 -14.75 14.07 16.77
C ILE A 272 -14.45 15.55 16.61
N MET A 273 -15.33 16.44 17.09
CA MET A 273 -15.03 17.86 16.99
C MET A 273 -13.85 18.22 17.89
N GLU A 274 -13.77 17.61 19.08
CA GLU A 274 -12.60 17.83 19.93
C GLU A 274 -11.32 17.40 19.21
N GLU A 275 -11.35 16.21 18.62
CA GLU A 275 -10.16 15.71 17.94
C GLU A 275 -9.83 16.57 16.72
N PHE A 276 -10.85 16.93 15.93
CA PHE A 276 -10.67 17.77 14.75
C PHE A 276 -10.12 19.14 15.13
N PHE A 277 -10.72 19.80 16.15
CA PHE A 277 -10.23 21.12 16.53
C PHE A 277 -8.78 21.07 17.02
N ARG A 278 -8.38 19.97 17.67
CA ARG A 278 -6.99 19.88 18.11
C ARG A 278 -6.06 19.74 16.92
N GLN A 279 -6.47 18.98 15.90
CA GLN A 279 -5.67 18.93 14.68
C GLN A 279 -5.61 20.30 14.02
N GLY A 280 -6.74 21.01 13.98
CA GLY A 280 -6.75 22.33 13.39
C GLY A 280 -5.87 23.32 14.12
N ASP A 281 -5.79 23.20 15.45
CA ASP A 281 -4.89 24.05 16.23
C ASP A 281 -3.44 23.79 15.85
N ARG A 282 -3.08 22.52 15.60
CA ARG A 282 -1.72 22.22 15.17
C ARG A 282 -1.45 22.76 13.76
N GLU A 283 -2.43 22.61 12.87
CA GLU A 283 -2.31 23.17 11.53
C GLU A 283 -2.13 24.67 11.58
N ARG A 284 -2.95 25.35 12.39
CA ARG A 284 -2.86 26.81 12.49
C ARG A 284 -1.51 27.24 13.03
N GLU A 285 -1.01 26.54 14.06
CA GLU A 285 0.28 26.88 14.65
C GLU A 285 1.42 26.70 13.66
N ARG A 286 1.31 25.69 12.78
CA ARG A 286 2.34 25.43 11.79
C ARG A 286 2.18 26.26 10.52
N GLY A 287 1.18 27.13 10.45
CA GLY A 287 0.98 27.93 9.26
C GLY A 287 0.38 27.18 8.10
N MET A 288 -0.29 26.06 8.38
CA MET A 288 -0.91 25.23 7.36
C MET A 288 -2.37 25.66 7.17
N GLU A 289 -2.89 25.39 5.97
CA GLU A 289 -4.33 25.51 5.76
C GLU A 289 -5.06 24.52 6.67
N ILE A 290 -6.08 25.01 7.36
CA ILE A 290 -6.80 24.20 8.33
C ILE A 290 -7.75 23.27 7.57
N SER A 291 -7.75 21.99 7.96
CA SER A 291 -8.56 20.98 7.29
C SER A 291 -10.05 21.27 7.50
N PRO A 292 -10.90 20.79 6.59
CA PRO A 292 -12.35 20.99 6.76
C PRO A 292 -12.83 20.49 8.12
N MET A 293 -13.68 21.29 8.76
CA MET A 293 -14.28 21.00 10.06
C MET A 293 -13.30 21.09 11.22
N CYS A 294 -12.07 21.58 11.00
CA CYS A 294 -11.09 21.58 12.07
C CYS A 294 -10.80 22.97 12.64
N ASP A 295 -11.48 24.02 12.20
CA ASP A 295 -11.17 25.37 12.65
C ASP A 295 -12.19 25.80 13.70
N LYS A 296 -11.78 25.79 14.97
CA LYS A 296 -12.72 26.08 16.05
C LYS A 296 -13.20 27.53 16.01
N HIS A 297 -12.50 28.41 15.29
CA HIS A 297 -12.90 29.80 15.21
C HIS A 297 -13.83 30.10 14.04
N ASN A 298 -13.90 29.22 13.05
CA ASN A 298 -14.76 29.36 11.89
C ASN A 298 -15.56 28.09 11.67
N ALA A 299 -16.05 27.51 12.75
CA ALA A 299 -16.77 26.25 12.71
C ALA A 299 -18.28 26.48 12.78
N SER A 300 -19.04 25.68 12.04
CA SER A 300 -20.46 25.54 12.25
C SER A 300 -20.72 24.05 12.36
N VAL A 301 -20.83 23.54 13.59
CA VAL A 301 -20.96 22.10 13.78
C VAL A 301 -22.25 21.59 13.17
N GLU A 302 -23.33 22.36 13.31
CA GLU A 302 -24.63 21.94 12.78
C GLU A 302 -24.59 21.85 11.26
N LYS A 303 -24.11 22.91 10.59
CA LYS A 303 -24.05 22.85 9.13
C LYS A 303 -23.12 21.75 8.68
N SER A 304 -22.01 21.53 9.39
CA SER A 304 -21.09 20.47 9.01
C SER A 304 -21.75 19.10 9.12
N GLN A 305 -22.63 18.90 10.11
CA GLN A 305 -23.26 17.59 10.20
C GLN A 305 -24.27 17.39 9.08
N VAL A 306 -25.06 18.41 8.76
CA VAL A 306 -25.99 18.26 7.65
C VAL A 306 -25.22 17.95 6.37
N GLY A 307 -24.10 18.62 6.14
CA GLY A 307 -23.31 18.35 4.94
C GLY A 307 -22.68 16.96 4.94
N PHE A 308 -22.10 16.56 6.07
CA PHE A 308 -21.55 15.21 6.24
C PHE A 308 -22.61 14.16 5.94
N ILE A 309 -23.83 14.34 6.45
CA ILE A 309 -24.88 13.38 6.16
C ILE A 309 -25.27 13.44 4.70
N ASP A 310 -25.51 14.64 4.18
CA ASP A 310 -26.03 14.76 2.82
C ASP A 310 -25.06 14.25 1.77
N TYR A 311 -23.76 14.49 1.97
CA TYR A 311 -22.79 14.21 0.93
C TYR A 311 -22.05 12.90 1.12
N ILE A 312 -22.02 12.38 2.35
CA ILE A 312 -21.27 11.16 2.62
C ILE A 312 -22.16 10.07 3.21
N VAL A 313 -22.73 10.33 4.37
CA VAL A 313 -23.28 9.25 5.17
C VAL A 313 -24.60 8.73 4.60
N HIS A 314 -25.49 9.63 4.17
CA HIS A 314 -26.76 9.16 3.62
C HIS A 314 -26.59 8.53 2.25
N PRO A 315 -25.74 9.05 1.34
CA PRO A 315 -25.54 8.31 0.08
C PRO A 315 -25.09 6.89 0.31
N LEU A 316 -24.16 6.70 1.25
CA LEU A 316 -23.67 5.37 1.59
C LEU A 316 -24.78 4.52 2.21
N TRP A 317 -25.46 5.05 3.23
CA TRP A 317 -26.41 4.19 3.94
C TRP A 317 -27.67 3.92 3.14
N GLU A 318 -28.11 4.87 2.29
CA GLU A 318 -29.25 4.57 1.44
C GLU A 318 -28.88 3.49 0.41
N THR A 319 -27.60 3.41 0.03
CA THR A 319 -27.20 2.34 -0.88
C THR A 319 -27.11 1.01 -0.16
N TRP A 320 -26.54 0.98 1.04
CA TRP A 320 -26.57 -0.23 1.84
C TRP A 320 -27.99 -0.68 2.10
N ALA A 321 -28.86 0.25 2.47
CA ALA A 321 -30.25 -0.12 2.71
C ALA A 321 -30.88 -0.75 1.47
N ASP A 322 -30.53 -0.26 0.28
CA ASP A 322 -31.05 -0.86 -0.95
C ASP A 322 -30.52 -2.28 -1.13
N LEU A 323 -29.25 -2.50 -0.79
CA LEU A 323 -28.66 -3.83 -0.91
C LEU A 323 -29.39 -4.86 -0.04
N VAL A 324 -29.77 -4.47 1.18
CA VAL A 324 -30.38 -5.40 2.13
C VAL A 324 -31.87 -5.11 2.34
N HIS A 325 -32.51 -4.44 1.40
CA HIS A 325 -33.87 -3.99 1.63
C HIS A 325 -34.79 -5.14 2.01
N PRO A 326 -35.70 -4.96 2.99
CA PRO A 326 -36.00 -3.75 3.77
C PRO A 326 -35.29 -3.70 5.12
N ASP A 327 -34.27 -4.55 5.31
CA ASP A 327 -33.72 -4.81 6.64
C ASP A 327 -33.25 -3.55 7.37
N ALA A 328 -32.70 -2.58 6.63
CA ALA A 328 -32.06 -1.44 7.26
C ALA A 328 -32.94 -0.20 7.29
N GLN A 329 -34.25 -0.38 7.08
CA GLN A 329 -35.13 0.77 6.97
C GLN A 329 -35.16 1.61 8.24
N ASP A 330 -35.14 0.95 9.42
CA ASP A 330 -35.18 1.70 10.67
C ASP A 330 -33.89 2.48 10.90
N ILE A 331 -32.75 1.92 10.47
CA ILE A 331 -31.48 2.63 10.58
C ILE A 331 -31.49 3.87 9.69
N LEU A 332 -31.93 3.70 8.45
CA LEU A 332 -32.03 4.84 7.54
C LEU A 332 -32.98 5.88 8.09
N ASP A 333 -34.13 5.44 8.65
CA ASP A 333 -35.07 6.39 9.21
C ASP A 333 -34.45 7.22 10.32
N THR A 334 -33.60 6.60 11.15
CA THR A 334 -32.94 7.32 12.24
C THR A 334 -31.96 8.35 11.68
N LEU A 335 -31.15 7.93 10.71
CA LEU A 335 -30.27 8.85 10.00
C LEU A 335 -31.04 10.05 9.49
N GLU A 336 -32.17 9.80 8.81
CA GLU A 336 -32.93 10.91 8.23
C GLU A 336 -33.52 11.79 9.30
N ASP A 337 -33.98 11.20 10.41
CA ASP A 337 -34.45 12.01 11.54
C ASP A 337 -33.34 12.87 12.13
N ASN A 338 -32.13 12.31 12.26
CA ASN A 338 -31.03 13.07 12.84
C ASN A 338 -30.60 14.20 11.92
N ARG A 339 -30.62 13.96 10.61
CA ARG A 339 -30.37 15.05 9.67
C ARG A 339 -31.41 16.14 9.83
N GLU A 340 -32.69 15.76 9.95
CA GLU A 340 -33.73 16.78 10.09
C GLU A 340 -33.53 17.55 11.38
N TRP A 341 -33.13 16.86 12.45
CA TRP A 341 -32.95 17.54 13.73
C TRP A 341 -31.82 18.56 13.63
N TYR A 342 -30.66 18.16 13.09
CA TYR A 342 -29.54 19.10 12.97
C TYR A 342 -29.92 20.28 12.07
N GLN A 343 -30.56 20.00 10.93
CA GLN A 343 -31.01 21.07 10.03
C GLN A 343 -31.92 22.05 10.75
N SER A 344 -32.79 21.55 11.64
CA SER A 344 -33.75 22.41 12.32
C SER A 344 -33.08 23.36 13.30
N THR A 345 -31.85 23.10 13.70
CA THR A 345 -31.14 24.02 14.59
C THR A 345 -30.47 25.14 13.82
N ILE A 346 -30.41 25.05 12.50
CA ILE A 346 -29.97 26.14 11.67
C ILE A 346 -31.17 27.06 11.38
N GLN B 24 44.54 3.93 -12.59
CA GLN B 24 43.21 3.35 -12.42
C GLN B 24 42.12 4.41 -12.55
N GLU B 25 42.36 5.58 -11.96
CA GLU B 25 41.37 6.66 -12.04
C GLU B 25 41.20 7.17 -13.46
N ASP B 26 42.26 7.07 -14.26
CA ASP B 26 42.18 7.50 -15.64
C ASP B 26 41.34 6.54 -16.50
N VAL B 27 41.47 5.23 -16.27
CA VAL B 27 40.66 4.25 -17.01
C VAL B 27 39.19 4.43 -16.66
N LEU B 28 38.88 4.68 -15.38
CA LEU B 28 37.50 4.92 -14.99
C LEU B 28 36.90 6.10 -15.74
N ALA B 29 37.67 7.18 -15.87
CA ALA B 29 37.16 8.36 -16.56
C ALA B 29 36.83 8.05 -18.01
N LYS B 30 37.63 7.21 -18.67
CA LYS B 30 37.39 6.91 -20.07
C LYS B 30 36.19 5.98 -20.26
N GLU B 31 35.98 5.04 -19.32
CA GLU B 31 34.79 4.20 -19.40
C GLU B 31 33.51 5.03 -19.26
N LEU B 32 33.54 6.07 -18.42
CA LEU B 32 32.35 6.88 -18.20
C LEU B 32 32.01 7.76 -19.40
N GLU B 33 32.90 7.84 -20.39
CA GLU B 33 32.59 8.56 -21.63
C GLU B 33 31.44 7.91 -22.39
N ASP B 34 31.13 6.64 -22.12
CA ASP B 34 30.05 5.94 -22.78
C ASP B 34 28.75 5.98 -21.98
N VAL B 35 28.64 6.93 -21.05
CA VAL B 35 27.50 6.99 -20.16
C VAL B 35 26.20 7.18 -20.94
N ASN B 36 26.28 7.65 -22.17
CA ASN B 36 25.09 7.88 -22.99
C ASN B 36 24.78 6.73 -23.94
N LYS B 37 25.49 5.60 -23.82
CA LYS B 37 25.31 4.49 -24.76
C LYS B 37 24.74 3.25 -24.08
N TRP B 38 23.87 2.57 -24.81
CA TRP B 38 23.43 1.23 -24.44
C TRP B 38 24.60 0.26 -24.49
N GLY B 39 24.84 -0.44 -23.39
CA GLY B 39 25.96 -1.37 -23.32
C GLY B 39 27.18 -0.86 -22.60
N LEU B 40 27.08 0.28 -21.91
CA LEU B 40 28.08 0.74 -20.96
C LEU B 40 28.71 -0.42 -20.18
N HIS B 41 30.02 -0.33 -19.97
CA HIS B 41 30.78 -1.39 -19.27
C HIS B 41 30.67 -1.21 -17.76
N VAL B 42 29.47 -1.48 -17.24
CA VAL B 42 29.15 -1.10 -15.87
C VAL B 42 29.89 -1.96 -14.85
N PHE B 43 30.20 -3.21 -15.19
CA PHE B 43 30.99 -4.05 -14.29
C PHE B 43 32.43 -3.57 -14.20
N ARG B 44 33.01 -3.16 -15.34
CA ARG B 44 34.30 -2.51 -15.34
C ARG B 44 34.26 -1.25 -14.49
N ILE B 45 33.20 -0.45 -14.63
CA ILE B 45 33.07 0.78 -13.87
C ILE B 45 32.95 0.48 -12.39
N ALA B 46 32.21 -0.58 -12.03
CA ALA B 46 32.13 -0.98 -10.63
C ALA B 46 33.50 -1.31 -10.06
N GLU B 47 34.34 -1.99 -10.85
CA GLU B 47 35.67 -2.37 -10.37
C GLU B 47 36.56 -1.15 -10.22
N LEU B 48 36.63 -0.31 -11.25
CA LEU B 48 37.52 0.85 -11.22
C LEU B 48 37.07 1.92 -10.22
N SER B 49 35.79 1.89 -9.82
CA SER B 49 35.21 2.83 -8.85
C SER B 49 35.52 2.48 -7.41
N GLY B 50 36.17 1.35 -7.15
CA GLY B 50 36.17 0.79 -5.81
C GLY B 50 34.79 0.39 -5.35
N ASN B 51 34.02 -0.24 -6.24
CA ASN B 51 32.63 -0.63 -5.98
C ASN B 51 31.75 0.57 -5.63
N ARG B 52 31.86 1.62 -6.46
CA ARG B 52 30.97 2.77 -6.34
C ARG B 52 30.32 3.12 -7.68
N PRO B 53 29.80 2.12 -8.42
CA PRO B 53 29.21 2.44 -9.73
C PRO B 53 27.98 3.31 -9.62
N LEU B 54 27.16 3.14 -8.58
CA LEU B 54 25.99 3.98 -8.43
C LEU B 54 26.40 5.44 -8.22
N THR B 55 27.37 5.68 -7.34
CA THR B 55 27.78 7.05 -7.04
C THR B 55 28.45 7.73 -8.24
N VAL B 56 29.36 7.04 -8.93
CA VAL B 56 30.03 7.71 -10.04
C VAL B 56 29.10 7.83 -11.24
N ILE B 57 28.20 6.87 -11.48
CA ILE B 57 27.36 6.96 -12.66
C ILE B 57 26.26 8.00 -12.46
N MET B 58 25.68 8.05 -11.25
CA MET B 58 24.70 9.10 -10.95
C MET B 58 25.33 10.49 -11.02
N HIS B 59 26.54 10.63 -10.48
CA HIS B 59 27.24 11.93 -10.55
C HIS B 59 27.50 12.33 -11.99
N THR B 60 27.95 11.39 -12.83
CA THR B 60 28.19 11.69 -14.23
C THR B 60 26.92 12.12 -14.94
N ILE B 61 25.82 11.39 -14.70
CA ILE B 61 24.55 11.69 -15.35
C ILE B 61 23.99 13.02 -14.87
N PHE B 62 24.12 13.32 -13.58
CA PHE B 62 23.67 14.61 -13.05
C PHE B 62 24.48 15.76 -13.66
N GLN B 63 25.81 15.58 -13.78
CA GLN B 63 26.63 16.59 -14.43
C GLN B 63 26.34 16.68 -15.93
N GLU B 64 26.13 15.52 -16.57
CA GLU B 64 25.75 15.50 -17.97
C GLU B 64 24.47 16.28 -18.21
N ARG B 65 23.49 16.14 -17.31
CA ARG B 65 22.22 16.84 -17.45
C ARG B 65 22.18 18.19 -16.76
N ASP B 66 23.29 18.67 -16.21
CA ASP B 66 23.38 19.96 -15.51
C ASP B 66 22.48 20.03 -14.27
N LEU B 67 22.23 18.89 -13.61
CA LEU B 67 21.19 18.88 -12.60
C LEU B 67 21.62 19.55 -11.31
N LEU B 68 22.92 19.65 -11.06
CA LEU B 68 23.39 20.26 -9.83
C LEU B 68 23.18 21.77 -9.82
N LYS B 69 23.49 22.43 -10.94
CA LYS B 69 23.22 23.86 -11.07
C LYS B 69 21.73 24.16 -11.20
N THR B 70 20.99 23.31 -11.90
CA THR B 70 19.57 23.56 -12.16
C THR B 70 18.72 23.51 -10.89
N PHE B 71 18.87 22.46 -10.08
CA PHE B 71 18.16 22.34 -8.82
C PHE B 71 18.99 22.79 -7.63
N LYS B 72 20.03 23.62 -7.86
CA LYS B 72 20.94 24.11 -6.83
C LYS B 72 21.29 23.01 -5.82
N ILE B 73 21.71 21.87 -6.37
CA ILE B 73 22.14 20.73 -5.57
C ILE B 73 23.62 20.92 -5.25
N PRO B 74 23.98 21.18 -3.99
CA PRO B 74 25.41 21.22 -3.65
C PRO B 74 26.08 19.89 -4.00
N VAL B 75 27.21 19.97 -4.69
CA VAL B 75 27.85 18.76 -5.21
C VAL B 75 28.24 17.84 -4.06
N ASP B 76 28.71 18.41 -2.94
CA ASP B 76 29.01 17.61 -1.77
C ASP B 76 27.77 16.88 -1.25
N THR B 77 26.62 17.55 -1.29
CA THR B 77 25.38 16.93 -0.83
C THR B 77 24.98 15.77 -1.73
N LEU B 78 25.09 15.97 -3.05
CA LEU B 78 24.84 14.88 -3.99
C LEU B 78 25.73 13.69 -3.70
N ILE B 79 27.04 13.93 -3.52
CA ILE B 79 27.96 12.83 -3.29
C ILE B 79 27.67 12.14 -1.97
N THR B 80 27.45 12.93 -0.92
CA THR B 80 27.14 12.36 0.39
C THR B 80 25.89 11.49 0.33
N TYR B 81 24.82 12.00 -0.30
CA TYR B 81 23.62 11.18 -0.43
C TYR B 81 23.90 9.92 -1.22
N LEU B 82 24.56 10.06 -2.38
CA LEU B 82 24.78 8.91 -3.26
C LEU B 82 25.58 7.82 -2.57
N MET B 83 26.67 8.21 -1.88
CA MET B 83 27.47 7.23 -1.17
C MET B 83 26.66 6.52 -0.09
N THR B 84 25.81 7.26 0.63
CA THR B 84 24.97 6.65 1.66
C THR B 84 23.94 5.72 1.03
N LEU B 85 23.28 6.16 -0.04
CA LEU B 85 22.34 5.30 -0.75
C LEU B 85 23.04 4.03 -1.23
N GLU B 86 24.21 4.17 -1.86
CA GLU B 86 24.93 3.01 -2.35
C GLU B 86 25.30 2.07 -1.21
N ASP B 87 25.64 2.63 -0.04
CA ASP B 87 25.95 1.80 1.12
C ASP B 87 24.79 0.94 1.59
N HIS B 88 23.55 1.31 1.26
CA HIS B 88 22.40 0.53 1.72
C HIS B 88 21.94 -0.51 0.70
N TYR B 89 22.64 -0.63 -0.42
CA TYR B 89 22.55 -1.83 -1.25
C TYR B 89 23.48 -2.89 -0.66
N HIS B 90 23.05 -4.15 -0.67
CA HIS B 90 23.79 -5.21 -0.01
C HIS B 90 24.90 -5.75 -0.92
N ALA B 91 26.14 -5.71 -0.43
CA ALA B 91 27.24 -6.21 -1.25
C ALA B 91 27.26 -7.73 -1.32
N ASP B 92 26.53 -8.44 -0.45
CA ASP B 92 26.49 -9.90 -0.49
C ASP B 92 25.26 -10.44 -1.20
N VAL B 93 24.57 -9.60 -1.97
CA VAL B 93 23.44 -10.00 -2.80
C VAL B 93 23.93 -9.93 -4.24
N ALA B 94 23.83 -11.06 -4.97
CA ALA B 94 24.56 -11.18 -6.23
C ALA B 94 23.97 -10.31 -7.35
N TYR B 95 22.66 -10.09 -7.37
CA TYR B 95 22.03 -9.33 -8.43
C TYR B 95 21.45 -8.01 -7.95
N HIS B 96 20.60 -8.04 -6.92
CA HIS B 96 19.90 -6.82 -6.51
C HIS B 96 20.80 -5.97 -5.61
N ASN B 97 21.86 -5.42 -6.21
CA ASN B 97 22.85 -4.65 -5.47
C ASN B 97 23.09 -3.30 -6.15
N ASN B 98 24.15 -2.60 -5.75
CA ASN B 98 24.42 -1.28 -6.30
C ASN B 98 24.77 -1.29 -7.78
N ILE B 99 25.27 -2.41 -8.32
CA ILE B 99 25.58 -2.46 -9.76
C ILE B 99 24.30 -2.53 -10.58
N HIS B 100 23.30 -3.31 -10.12
CA HIS B 100 21.96 -3.29 -10.73
C HIS B 100 21.37 -1.89 -10.68
N ALA B 101 21.41 -1.25 -9.51
CA ALA B 101 20.91 0.12 -9.40
C ALA B 101 21.59 1.05 -10.40
N ALA B 102 22.91 0.97 -10.49
CA ALA B 102 23.64 1.85 -11.40
C ALA B 102 23.24 1.57 -12.84
N ASP B 103 23.08 0.29 -13.18
CA ASP B 103 22.68 -0.12 -14.51
C ASP B 103 21.27 0.36 -14.86
N VAL B 104 20.34 0.26 -13.92
CA VAL B 104 18.99 0.73 -14.21
C VAL B 104 18.97 2.24 -14.34
N VAL B 105 19.76 2.95 -13.52
CA VAL B 105 19.89 4.40 -13.66
C VAL B 105 20.37 4.77 -15.06
N GLN B 106 21.43 4.11 -15.51
CA GLN B 106 22.03 4.48 -16.79
C GLN B 106 21.11 4.10 -17.94
N SER B 107 20.42 2.97 -17.81
CA SER B 107 19.48 2.55 -18.84
C SER B 107 18.29 3.52 -18.93
N THR B 108 17.78 3.98 -17.79
CA THR B 108 16.73 5.00 -17.84
C THR B 108 17.26 6.28 -18.47
N HIS B 109 18.49 6.65 -18.11
CA HIS B 109 19.11 7.85 -18.67
C HIS B 109 19.19 7.77 -20.20
N VAL B 110 19.52 6.60 -20.73
CA VAL B 110 19.56 6.45 -22.18
C VAL B 110 18.16 6.50 -22.76
N LEU B 111 17.20 5.80 -22.13
CA LEU B 111 15.83 5.81 -22.62
C LEU B 111 15.21 7.20 -22.58
N LEU B 112 15.60 8.04 -21.61
CA LEU B 112 15.08 9.41 -21.50
C LEU B 112 15.56 10.30 -22.64
N SER B 113 16.75 10.04 -23.17
CA SER B 113 17.30 10.83 -24.26
C SER B 113 16.92 10.28 -25.62
N THR B 114 15.95 9.37 -25.66
CA THR B 114 15.34 8.86 -26.87
C THR B 114 14.89 10.04 -27.74
N PRO B 115 15.36 10.15 -28.99
CA PRO B 115 14.91 11.29 -29.82
C PRO B 115 13.40 11.51 -29.83
N ALA B 116 12.61 10.43 -29.87
CA ALA B 116 11.16 10.56 -29.86
C ALA B 116 10.61 11.12 -28.54
N LEU B 117 11.40 11.11 -27.46
CA LEU B 117 10.98 11.72 -26.21
C LEU B 117 11.68 13.05 -25.95
N GLU B 118 12.19 13.69 -27.01
CA GLU B 118 12.99 14.91 -26.86
C GLU B 118 12.18 16.02 -26.20
N ALA B 119 12.68 16.53 -25.08
CA ALA B 119 12.11 17.67 -24.37
C ALA B 119 10.64 17.46 -23.99
N VAL B 120 10.18 16.20 -23.90
CA VAL B 120 8.78 15.96 -23.52
C VAL B 120 8.61 15.89 -22.01
N PHE B 121 9.68 15.65 -21.26
CA PHE B 121 9.64 15.63 -19.80
C PHE B 121 10.40 16.82 -19.25
N THR B 122 9.89 17.40 -18.16
CA THR B 122 10.56 18.52 -17.54
C THR B 122 11.80 18.07 -16.76
N ASP B 123 12.62 19.04 -16.36
CA ASP B 123 13.80 18.72 -15.57
C ASP B 123 13.44 18.01 -14.26
N LEU B 124 12.27 18.35 -13.69
CA LEU B 124 11.84 17.71 -12.44
C LEU B 124 11.41 16.27 -12.68
N GLU B 125 10.71 16.01 -13.79
CA GLU B 125 10.31 14.65 -14.12
C GLU B 125 11.52 13.80 -14.48
N ILE B 126 12.49 14.39 -15.17
CA ILE B 126 13.75 13.70 -15.46
C ILE B 126 14.46 13.34 -14.16
N LEU B 127 14.52 14.31 -13.24
CA LEU B 127 15.07 14.05 -11.92
C LEU B 127 14.33 12.91 -11.23
N ALA B 128 12.99 12.89 -11.34
CA ALA B 128 12.22 11.85 -10.66
C ALA B 128 12.50 10.46 -11.24
N ALA B 129 12.51 10.34 -12.57
CA ALA B 129 12.80 9.05 -13.21
C ALA B 129 14.18 8.55 -12.86
N ILE B 130 15.17 9.44 -12.86
CA ILE B 130 16.53 9.01 -12.54
C ILE B 130 16.66 8.72 -11.05
N PHE B 131 16.09 9.57 -10.21
CA PHE B 131 16.16 9.31 -8.77
C PHE B 131 15.44 8.01 -8.42
N ALA B 132 14.26 7.78 -9.02
CA ALA B 132 13.54 6.54 -8.75
C ALA B 132 14.37 5.32 -9.15
N SER B 133 15.04 5.42 -10.30
CA SER B 133 15.90 4.30 -10.73
C SER B 133 17.01 4.04 -9.73
N ALA B 134 17.61 5.09 -9.19
CA ALA B 134 18.73 4.93 -8.26
C ALA B 134 18.32 4.23 -6.97
N ILE B 135 17.13 4.54 -6.47
CA ILE B 135 16.68 3.99 -5.20
C ILE B 135 15.82 2.74 -5.36
N HIS B 136 15.55 2.30 -6.59
CA HIS B 136 14.38 1.43 -6.78
C HIS B 136 14.54 0.05 -6.15
N ASP B 137 15.76 -0.40 -5.83
CA ASP B 137 15.95 -1.69 -5.13
C ASP B 137 16.75 -1.55 -3.84
N VAL B 138 16.83 -0.37 -3.24
CA VAL B 138 17.78 -0.18 -2.12
C VAL B 138 17.38 -1.04 -0.93
N ASP B 139 18.38 -1.63 -0.25
CA ASP B 139 18.19 -2.50 0.91
C ASP B 139 17.45 -3.78 0.54
N HIS B 140 17.63 -4.23 -0.69
CA HIS B 140 17.01 -5.47 -1.13
C HIS B 140 17.69 -6.65 -0.45
N PRO B 141 16.94 -7.56 0.17
CA PRO B 141 17.55 -8.69 0.88
C PRO B 141 17.91 -9.88 0.00
N GLY B 142 17.65 -9.83 -1.31
CA GLY B 142 17.96 -10.93 -2.19
C GLY B 142 16.95 -12.05 -2.22
N VAL B 143 15.72 -11.83 -1.70
CA VAL B 143 14.62 -12.77 -1.82
C VAL B 143 13.40 -11.99 -2.30
N SER B 144 12.43 -12.73 -2.84
CA SER B 144 11.28 -12.12 -3.51
C SER B 144 10.19 -11.70 -2.53
N ASN B 145 9.23 -10.93 -3.06
CA ASN B 145 8.06 -10.54 -2.26
C ASN B 145 7.32 -11.78 -1.75
N GLN B 146 7.08 -12.74 -2.65
CA GLN B 146 6.33 -13.93 -2.24
C GLN B 146 7.06 -14.68 -1.13
N PHE B 147 8.40 -14.77 -1.22
CA PHE B 147 9.17 -15.36 -0.12
C PHE B 147 8.94 -14.59 1.18
N LEU B 148 9.06 -13.27 1.13
CA LEU B 148 8.85 -12.46 2.33
C LEU B 148 7.45 -12.63 2.89
N ILE B 149 6.44 -12.75 2.01
CA ILE B 149 5.07 -12.95 2.48
C ILE B 149 4.91 -14.33 3.10
N ASN B 150 5.40 -15.37 2.41
CA ASN B 150 5.14 -16.73 2.88
C ASN B 150 5.98 -17.11 4.09
N THR B 151 7.03 -16.35 4.40
CA THR B 151 7.81 -16.59 5.60
C THR B 151 7.38 -15.68 6.76
N ASN B 152 6.32 -14.90 6.57
CA ASN B 152 5.80 -14.03 7.63
C ASN B 152 6.89 -13.08 8.13
N SER B 153 7.66 -12.52 7.19
CA SER B 153 8.75 -11.61 7.49
C SER B 153 8.24 -10.33 8.16
N GLU B 154 9.18 -9.64 8.82
CA GLU B 154 8.89 -8.33 9.37
C GLU B 154 8.49 -7.34 8.27
N LEU B 155 9.17 -7.38 7.12
CA LEU B 155 8.82 -6.51 6.00
C LEU B 155 7.38 -6.74 5.55
N ALA B 156 6.98 -8.01 5.39
CA ALA B 156 5.62 -8.27 4.93
C ALA B 156 4.59 -7.90 5.98
N LEU B 157 4.94 -8.02 7.28
CA LEU B 157 4.04 -7.58 8.34
C LEU B 157 3.88 -6.07 8.30
N MET B 158 4.97 -5.34 8.02
CA MET B 158 4.89 -3.89 7.95
C MET B 158 4.00 -3.42 6.80
N TYR B 159 4.12 -4.09 5.65
CA TYR B 159 3.53 -3.61 4.40
C TYR B 159 2.32 -4.42 3.96
N ASN B 160 1.78 -5.30 4.83
CA ASN B 160 0.48 -5.95 4.57
C ASN B 160 0.47 -6.67 3.24
N ASP B 161 1.58 -7.35 2.95
CA ASP B 161 1.78 -8.26 1.84
C ASP B 161 1.69 -7.58 0.48
N SER B 162 1.65 -6.25 0.44
CA SER B 162 1.39 -5.50 -0.80
C SER B 162 2.64 -4.73 -1.21
N SER B 163 3.17 -5.07 -2.40
CA SER B 163 4.42 -4.49 -2.93
C SER B 163 5.43 -4.30 -1.80
N VAL B 164 5.73 -5.40 -1.12
CA VAL B 164 6.46 -5.30 0.15
C VAL B 164 7.82 -4.68 -0.06
N LEU B 165 8.62 -5.25 -0.97
CA LEU B 165 9.95 -4.73 -1.23
C LEU B 165 9.89 -3.32 -1.76
N GLU B 166 9.00 -3.07 -2.73
CA GLU B 166 9.01 -1.78 -3.39
C GLU B 166 8.64 -0.66 -2.43
N ASN B 167 7.71 -0.93 -1.52
CA ASN B 167 7.41 0.08 -0.49
C ASN B 167 8.63 0.33 0.39
N HIS B 168 9.36 -0.73 0.74
CA HIS B 168 10.55 -0.57 1.56
C HIS B 168 11.65 0.20 0.82
N HIS B 169 11.89 -0.12 -0.47
CA HIS B 169 12.90 0.61 -1.24
C HIS B 169 12.62 2.11 -1.22
N LEU B 170 11.35 2.47 -1.44
CA LEU B 170 10.98 3.88 -1.39
C LEU B 170 11.25 4.49 -0.02
N ALA B 171 10.79 3.81 1.03
CA ALA B 171 10.90 4.37 2.38
C ALA B 171 12.36 4.59 2.76
N VAL B 172 13.23 3.64 2.44
CA VAL B 172 14.67 3.80 2.70
C VAL B 172 15.26 4.92 1.84
N GLY B 173 14.95 4.93 0.53
CA GLY B 173 15.53 5.94 -0.33
C GLY B 173 15.18 7.35 0.11
N PHE B 174 13.94 7.54 0.55
CA PHE B 174 13.55 8.86 1.02
C PHE B 174 14.11 9.16 2.41
N LYS B 175 14.12 8.17 3.32
CA LYS B 175 14.61 8.43 4.68
C LYS B 175 16.06 8.86 4.65
N LEU B 176 16.85 8.31 3.72
CA LEU B 176 18.25 8.67 3.66
C LEU B 176 18.48 10.14 3.32
N LEU B 177 17.51 10.80 2.69
CA LEU B 177 17.62 12.24 2.48
C LEU B 177 17.74 13.02 3.78
N GLN B 178 17.31 12.45 4.90
CA GLN B 178 17.33 13.15 6.18
C GLN B 178 18.65 12.99 6.92
N GLU B 179 19.57 12.19 6.42
CA GLU B 179 20.88 12.09 7.04
C GLU B 179 21.67 13.38 6.80
N GLU B 180 22.73 13.58 7.60
CA GLU B 180 23.46 14.84 7.58
C GLU B 180 24.02 15.12 6.19
N ASN B 181 23.67 16.30 5.66
CA ASN B 181 24.17 16.79 4.37
C ASN B 181 23.76 15.86 3.22
N CYS B 182 22.57 15.27 3.31
CA CYS B 182 22.06 14.37 2.28
C CYS B 182 20.83 14.89 1.55
N ASP B 183 20.33 16.09 1.86
CA ASP B 183 19.06 16.48 1.25
C ASP B 183 19.33 17.15 -0.09
N ILE B 184 19.39 16.32 -1.14
CA ILE B 184 19.68 16.85 -2.47
C ILE B 184 18.53 17.67 -3.04
N PHE B 185 17.33 17.59 -2.45
CA PHE B 185 16.19 18.36 -2.92
C PHE B 185 15.95 19.61 -2.08
N GLN B 186 16.96 20.04 -1.31
CA GLN B 186 16.79 21.11 -0.35
C GLN B 186 16.38 22.43 -1.01
N ASN B 187 16.75 22.64 -2.28
CA ASN B 187 16.45 23.90 -2.96
C ASN B 187 15.31 23.77 -3.95
N LEU B 188 14.61 22.63 -3.96
CA LEU B 188 13.35 22.55 -4.67
C LEU B 188 12.26 23.27 -3.88
N THR B 189 11.33 23.88 -4.60
CA THR B 189 10.20 24.48 -3.93
C THR B 189 9.34 23.40 -3.28
N LYS B 190 8.51 23.80 -2.32
CA LYS B 190 7.70 22.84 -1.59
C LYS B 190 6.79 22.07 -2.53
N LYS B 191 6.23 22.75 -3.54
CA LYS B 191 5.40 22.08 -4.53
C LYS B 191 6.23 21.13 -5.39
N GLN B 192 7.44 21.55 -5.77
CA GLN B 192 8.30 20.66 -6.56
C GLN B 192 8.63 19.40 -5.80
N ARG B 193 8.93 19.51 -4.50
CA ARG B 193 9.22 18.32 -3.71
C ARG B 193 8.00 17.41 -3.62
N GLN B 194 6.82 17.99 -3.42
CA GLN B 194 5.60 17.17 -3.36
C GLN B 194 5.36 16.44 -4.67
N SER B 195 5.53 17.13 -5.79
CA SER B 195 5.33 16.50 -7.10
C SER B 195 6.37 15.42 -7.35
N LEU B 196 7.64 15.72 -7.09
CA LEU B 196 8.69 14.74 -7.28
C LEU B 196 8.45 13.51 -6.42
N ARG B 197 8.10 13.71 -5.15
CA ARG B 197 7.84 12.58 -4.27
C ARG B 197 6.74 11.70 -4.83
N LYS B 198 5.67 12.30 -5.32
CA LYS B 198 4.56 11.51 -5.85
C LYS B 198 4.98 10.70 -7.05
N MET B 199 5.71 11.34 -7.97
CA MET B 199 6.12 10.63 -9.17
C MET B 199 7.09 9.50 -8.85
N VAL B 200 8.05 9.75 -7.93
CA VAL B 200 8.99 8.68 -7.57
C VAL B 200 8.26 7.49 -6.98
N ILE B 201 7.28 7.72 -6.10
CA ILE B 201 6.51 6.63 -5.53
C ILE B 201 5.78 5.86 -6.64
N ASP B 202 5.10 6.59 -7.53
CA ASP B 202 4.35 5.96 -8.60
C ASP B 202 5.27 5.09 -9.45
N ILE B 203 6.49 5.57 -9.71
CA ILE B 203 7.41 4.83 -10.57
C ILE B 203 7.95 3.59 -9.85
N VAL B 204 8.46 3.75 -8.62
CA VAL B 204 9.07 2.59 -7.96
C VAL B 204 8.00 1.52 -7.67
N LEU B 205 6.80 1.93 -7.24
CA LEU B 205 5.77 0.92 -7.03
C LEU B 205 5.46 0.15 -8.31
N ALA B 206 5.63 0.78 -9.47
CA ALA B 206 5.40 0.08 -10.73
C ALA B 206 6.49 -0.94 -11.08
N THR B 207 7.63 -0.97 -10.36
CA THR B 207 8.64 -2.00 -10.64
C THR B 207 8.30 -3.35 -10.01
N ASP B 208 7.26 -3.42 -9.17
CA ASP B 208 6.81 -4.69 -8.62
C ASP B 208 6.41 -5.61 -9.77
N MET B 209 7.07 -6.79 -9.86
CA MET B 209 6.83 -7.63 -11.02
C MET B 209 5.41 -8.17 -11.07
N SER B 210 4.67 -8.18 -9.95
CA SER B 210 3.29 -8.64 -10.02
C SER B 210 2.38 -7.66 -10.75
N LYS B 211 2.85 -6.44 -11.01
CA LYS B 211 2.11 -5.44 -11.76
C LYS B 211 2.46 -5.43 -13.25
N HIS B 212 3.31 -6.36 -13.69
CA HIS B 212 3.84 -6.29 -15.05
C HIS B 212 2.74 -6.37 -16.09
N MET B 213 1.86 -7.37 -15.97
CA MET B 213 0.83 -7.56 -17.00
C MET B 213 -0.09 -6.35 -17.13
N ASN B 214 -0.53 -5.80 -16.00
CA ASN B 214 -1.39 -4.62 -16.05
C ASN B 214 -0.65 -3.42 -16.62
N LEU B 215 0.64 -3.28 -16.28
CA LEU B 215 1.42 -2.17 -16.80
C LEU B 215 1.61 -2.30 -18.30
N LEU B 216 1.87 -3.52 -18.79
CA LEU B 216 2.03 -3.74 -20.21
C LEU B 216 0.72 -3.51 -20.96
N ALA B 217 -0.40 -3.93 -20.36
CA ALA B 217 -1.70 -3.72 -20.99
C ALA B 217 -1.97 -2.25 -21.24
N ASP B 218 -1.62 -1.40 -20.28
CA ASP B 218 -1.86 0.02 -20.44
C ASP B 218 -0.89 0.65 -21.43
N LEU B 219 0.35 0.17 -21.47
CA LEU B 219 1.28 0.65 -22.49
C LEU B 219 0.78 0.29 -23.88
N LYS B 220 0.22 -0.92 -24.03
CA LYS B 220 -0.37 -1.30 -25.32
C LYS B 220 -1.51 -0.37 -25.72
N THR B 221 -2.43 -0.10 -24.79
CA THR B 221 -3.53 0.81 -25.07
C THR B 221 -3.01 2.18 -25.49
N MET B 222 -1.97 2.67 -24.82
CA MET B 222 -1.37 3.94 -25.20
C MET B 222 -0.77 3.88 -26.60
N VAL B 223 -0.12 2.78 -26.97
CA VAL B 223 0.46 2.70 -28.31
C VAL B 223 -0.64 2.72 -29.37
N GLU B 224 -1.73 2.00 -29.14
CA GLU B 224 -2.81 1.95 -30.11
C GLU B 224 -3.43 3.32 -30.35
N THR B 225 -3.36 4.21 -29.36
CA THR B 225 -3.93 5.54 -29.47
C THR B 225 -2.87 6.62 -29.58
N LYS B 226 -1.63 6.24 -29.91
CA LYS B 226 -0.53 7.18 -29.84
C LYS B 226 -0.72 8.33 -30.82
N LYS B 227 -0.41 9.54 -30.38
CA LYS B 227 -0.41 10.72 -31.23
C LYS B 227 1.01 11.24 -31.36
N VAL B 228 1.41 11.53 -32.60
CA VAL B 228 2.68 12.18 -32.87
C VAL B 228 2.45 13.40 -33.76
N LEU B 235 3.51 12.83 -28.10
CA LEU B 235 2.54 13.77 -27.51
C LEU B 235 1.64 13.11 -26.46
N LEU B 236 1.91 13.38 -25.19
CA LEU B 236 1.09 12.84 -24.11
C LEU B 236 0.49 14.03 -23.35
N ASP B 237 -0.84 14.15 -23.35
CA ASP B 237 -1.38 15.39 -22.82
C ASP B 237 -1.63 15.37 -21.32
N ASN B 238 -1.98 14.23 -20.73
CA ASN B 238 -2.38 14.20 -19.33
C ASN B 238 -1.36 13.46 -18.50
N TYR B 239 -1.28 13.84 -17.22
CA TYR B 239 -0.32 13.24 -16.28
C TYR B 239 -0.47 11.73 -16.22
N SER B 240 -1.72 11.24 -16.33
CA SER B 240 -1.92 9.80 -16.26
C SER B 240 -1.12 9.07 -17.32
N ASP B 241 -1.12 9.60 -18.53
CA ASP B 241 -0.39 8.94 -19.61
C ASP B 241 1.11 9.11 -19.43
N ARG B 242 1.57 10.30 -19.00
CA ARG B 242 2.99 10.54 -18.87
C ARG B 242 3.61 9.74 -17.72
N ILE B 243 2.91 9.63 -16.58
CA ILE B 243 3.47 8.79 -15.53
C ILE B 243 3.49 7.34 -15.97
N GLN B 244 2.48 6.92 -16.75
CA GLN B 244 2.44 5.56 -17.28
C GLN B 244 3.66 5.28 -18.16
N VAL B 245 4.05 6.24 -18.99
CA VAL B 245 5.25 6.04 -19.81
C VAL B 245 6.50 5.95 -18.93
N LEU B 246 6.58 6.82 -17.91
CA LEU B 246 7.72 6.78 -17.00
C LEU B 246 7.78 5.50 -16.22
N GLN B 247 6.62 5.00 -15.76
CA GLN B 247 6.57 3.70 -15.10
C GLN B 247 7.05 2.60 -16.03
N ASN B 248 6.56 2.61 -17.27
CA ASN B 248 7.02 1.60 -18.22
C ASN B 248 8.48 1.80 -18.59
N MET B 249 8.96 3.04 -18.66
CA MET B 249 10.36 3.27 -19.00
C MET B 249 11.28 2.67 -17.93
N VAL B 250 10.98 2.90 -16.65
CA VAL B 250 11.88 2.37 -15.63
C VAL B 250 11.70 0.87 -15.49
N HIS B 251 10.49 0.37 -15.75
CA HIS B 251 10.27 -1.07 -15.80
C HIS B 251 11.07 -1.72 -16.93
N CYS B 252 11.09 -1.11 -18.13
CA CYS B 252 11.96 -1.60 -19.21
C CYS B 252 13.41 -1.61 -18.80
N ALA B 253 13.85 -0.52 -18.15
CA ALA B 253 15.24 -0.43 -17.71
C ALA B 253 15.56 -1.53 -16.69
N ASP B 254 14.61 -1.81 -15.78
CA ASP B 254 14.75 -2.91 -14.83
C ASP B 254 14.88 -4.25 -15.54
N LEU B 255 14.16 -4.42 -16.64
CA LEU B 255 14.14 -5.67 -17.39
C LEU B 255 14.96 -5.51 -18.66
N SER B 256 16.07 -4.79 -18.58
CA SER B 256 16.87 -4.51 -19.77
C SER B 256 18.08 -5.42 -19.93
N ASN B 257 18.41 -6.26 -18.96
CA ASN B 257 19.59 -7.11 -19.14
C ASN B 257 19.56 -7.95 -20.41
N PRO B 258 18.46 -8.60 -20.80
CA PRO B 258 18.50 -9.40 -22.03
C PRO B 258 18.62 -8.59 -23.31
N THR B 259 18.47 -7.27 -23.26
CA THR B 259 18.64 -6.39 -24.42
C THR B 259 20.04 -5.81 -24.53
N LYS B 260 20.96 -6.15 -23.59
CA LYS B 260 22.31 -5.62 -23.60
C LYS B 260 23.21 -6.53 -24.40
N PRO B 261 24.40 -6.04 -24.83
CA PRO B 261 25.41 -6.96 -25.40
C PRO B 261 25.56 -8.24 -24.60
N LEU B 262 25.73 -9.36 -25.32
CA LEU B 262 25.61 -10.68 -24.72
C LEU B 262 26.55 -10.88 -23.54
N GLN B 263 27.76 -10.32 -23.61
CA GLN B 263 28.69 -10.50 -22.50
C GLN B 263 28.16 -9.88 -21.22
N LEU B 264 27.47 -8.75 -21.33
CA LEU B 264 26.84 -8.17 -20.16
C LEU B 264 25.67 -9.03 -19.70
N TYR B 265 24.79 -9.40 -20.65
CA TYR B 265 23.61 -10.19 -20.29
C TYR B 265 24.00 -11.50 -19.60
N ARG B 266 25.02 -12.17 -20.09
CA ARG B 266 25.43 -13.43 -19.45
C ARG B 266 25.91 -13.19 -18.02
N GLN B 267 26.64 -12.11 -17.77
CA GLN B 267 27.02 -11.78 -16.39
C GLN B 267 25.82 -11.54 -15.49
N TRP B 268 24.83 -10.77 -15.98
CA TRP B 268 23.60 -10.55 -15.21
C TRP B 268 22.90 -11.87 -14.94
N THR B 269 22.85 -12.76 -15.93
CA THR B 269 22.19 -14.05 -15.72
C THR B 269 22.91 -14.90 -14.68
N ASP B 270 24.24 -14.93 -14.70
CA ASP B 270 25.00 -15.65 -13.66
C ASP B 270 24.67 -15.12 -12.28
N ARG B 271 24.55 -13.80 -12.16
CA ARG B 271 24.29 -13.20 -10.85
C ARG B 271 22.87 -13.51 -10.38
N ILE B 272 21.87 -13.35 -11.23
CA ILE B 272 20.51 -13.59 -10.74
C ILE B 272 20.31 -15.08 -10.45
N MET B 273 20.95 -15.97 -11.21
CA MET B 273 20.78 -17.38 -10.88
C MET B 273 21.42 -17.74 -9.53
N GLU B 274 22.52 -17.08 -9.16
CA GLU B 274 23.06 -17.29 -7.82
C GLU B 274 22.05 -16.84 -6.77
N GLU B 275 21.45 -15.68 -6.98
CA GLU B 275 20.50 -15.17 -6.01
C GLU B 275 19.25 -16.05 -5.95
N PHE B 276 18.71 -16.43 -7.12
CA PHE B 276 17.56 -17.33 -7.16
C PHE B 276 17.86 -18.67 -6.50
N PHE B 277 19.01 -19.28 -6.80
CA PHE B 277 19.29 -20.60 -6.22
C PHE B 277 19.43 -20.54 -4.70
N ARG B 278 20.02 -19.46 -4.17
CA ARG B 278 20.05 -19.29 -2.73
C ARG B 278 18.64 -19.16 -2.14
N GLN B 279 17.73 -18.45 -2.83
CA GLN B 279 16.36 -18.40 -2.31
C GLN B 279 15.70 -19.78 -2.33
N GLY B 280 15.85 -20.52 -3.43
CA GLY B 280 15.23 -21.83 -3.52
C GLY B 280 15.78 -22.81 -2.50
N ASP B 281 17.06 -22.67 -2.14
CA ASP B 281 17.60 -23.48 -1.05
C ASP B 281 16.87 -23.19 0.26
N ARG B 282 16.54 -21.92 0.50
CA ARG B 282 15.81 -21.58 1.71
C ARG B 282 14.37 -22.07 1.64
N GLU B 283 13.75 -22.05 0.45
CA GLU B 283 12.39 -22.54 0.33
C GLU B 283 12.32 -24.05 0.52
N ARG B 284 13.27 -24.77 -0.08
CA ARG B 284 13.34 -26.21 0.11
C ARG B 284 13.48 -26.56 1.58
N GLU B 285 14.44 -25.91 2.27
CA GLU B 285 14.69 -26.25 3.66
C GLU B 285 13.48 -25.94 4.54
N ARG B 286 12.74 -24.89 4.21
CA ARG B 286 11.53 -24.55 4.95
C ARG B 286 10.35 -25.43 4.58
N GLY B 287 10.49 -26.30 3.58
CA GLY B 287 9.37 -27.09 3.12
C GLY B 287 8.38 -26.32 2.30
N MET B 288 8.79 -25.23 1.66
CA MET B 288 7.94 -24.42 0.82
C MET B 288 8.01 -24.87 -0.63
N GLU B 289 6.99 -24.51 -1.40
CA GLU B 289 7.08 -24.60 -2.85
C GLU B 289 8.27 -23.79 -3.35
N ILE B 290 9.10 -24.38 -4.20
CA ILE B 290 10.25 -23.66 -4.72
C ILE B 290 9.79 -22.76 -5.86
N SER B 291 10.22 -21.50 -5.83
CA SER B 291 9.77 -20.52 -6.79
C SER B 291 10.33 -20.85 -8.17
N PRO B 292 9.71 -20.35 -9.23
CA PRO B 292 10.24 -20.57 -10.58
C PRO B 292 11.70 -20.16 -10.68
N MET B 293 12.51 -21.00 -11.33
CA MET B 293 13.92 -20.76 -11.62
C MET B 293 14.82 -20.85 -10.40
N CYS B 294 14.30 -21.27 -9.24
CA CYS B 294 15.05 -21.22 -8.00
C CYS B 294 15.55 -22.58 -7.54
N ASP B 295 15.21 -23.65 -8.24
CA ASP B 295 15.57 -25.00 -7.84
C ASP B 295 16.81 -25.41 -8.62
N LYS B 296 17.98 -25.30 -7.97
CA LYS B 296 19.21 -25.68 -8.64
C LYS B 296 19.23 -27.16 -9.03
N HIS B 297 18.44 -28.00 -8.37
CA HIS B 297 18.44 -29.43 -8.70
C HIS B 297 17.54 -29.78 -9.88
N ASN B 298 16.74 -28.83 -10.36
CA ASN B 298 15.86 -29.06 -11.51
C ASN B 298 15.88 -27.86 -12.44
N ALA B 299 17.02 -27.18 -12.55
CA ALA B 299 17.11 -25.94 -13.31
C ALA B 299 17.57 -26.19 -14.74
N SER B 300 17.08 -25.37 -15.65
CA SER B 300 17.72 -25.22 -16.97
C SER B 300 17.81 -23.73 -17.20
N VAL B 301 18.99 -23.16 -16.96
CA VAL B 301 19.14 -21.71 -17.06
C VAL B 301 18.82 -21.23 -18.47
N GLU B 302 19.23 -21.99 -19.48
CA GLU B 302 19.05 -21.56 -20.87
C GLU B 302 17.58 -21.60 -21.26
N LYS B 303 16.87 -22.68 -20.92
CA LYS B 303 15.43 -22.71 -21.20
C LYS B 303 14.72 -21.58 -20.47
N SER B 304 15.12 -21.31 -19.21
CA SER B 304 14.54 -20.22 -18.44
C SER B 304 14.69 -18.88 -19.15
N GLN B 305 15.85 -18.63 -19.77
CA GLN B 305 16.08 -17.34 -20.43
C GLN B 305 15.23 -17.21 -21.67
N VAL B 306 15.11 -18.29 -22.46
CA VAL B 306 14.24 -18.21 -23.62
C VAL B 306 12.80 -17.97 -23.18
N GLY B 307 12.37 -18.63 -22.10
CA GLY B 307 11.02 -18.39 -21.62
C GLY B 307 10.84 -16.97 -21.09
N PHE B 308 11.85 -16.49 -20.37
CA PHE B 308 11.79 -15.15 -19.78
C PHE B 308 11.68 -14.09 -20.88
N ILE B 309 12.44 -14.27 -21.96
CA ILE B 309 12.37 -13.33 -23.06
C ILE B 309 11.04 -13.48 -23.80
N ASP B 310 10.65 -14.71 -24.12
CA ASP B 310 9.46 -14.91 -24.93
C ASP B 310 8.22 -14.37 -24.26
N TYR B 311 8.13 -14.54 -22.93
CA TYR B 311 6.88 -14.26 -22.23
C TYR B 311 6.88 -12.95 -21.47
N ILE B 312 8.03 -12.36 -21.15
CA ILE B 312 8.06 -11.12 -20.40
C ILE B 312 8.80 -10.02 -21.15
N VAL B 313 10.07 -10.24 -21.47
CA VAL B 313 10.95 -9.16 -21.89
C VAL B 313 10.66 -8.72 -23.31
N HIS B 314 10.51 -9.67 -24.23
CA HIS B 314 10.25 -9.26 -25.61
C HIS B 314 8.88 -8.62 -25.77
N PRO B 315 7.78 -9.18 -25.22
CA PRO B 315 6.50 -8.45 -25.32
C PRO B 315 6.57 -7.04 -24.76
N LEU B 316 7.30 -6.84 -23.66
CA LEU B 316 7.47 -5.50 -23.12
C LEU B 316 8.26 -4.61 -24.07
N TRP B 317 9.42 -5.08 -24.54
CA TRP B 317 10.28 -4.21 -25.32
C TRP B 317 9.76 -3.99 -26.73
N GLU B 318 8.96 -4.92 -27.25
CA GLU B 318 8.38 -4.71 -28.58
C GLU B 318 7.34 -3.60 -28.51
N THR B 319 6.60 -3.56 -27.41
CA THR B 319 5.63 -2.50 -27.21
C THR B 319 6.33 -1.16 -27.00
N TRP B 320 7.38 -1.13 -26.18
CA TRP B 320 8.17 0.10 -26.02
C TRP B 320 8.71 0.59 -27.36
N ALA B 321 9.33 -0.31 -28.14
CA ALA B 321 9.88 0.10 -29.42
C ALA B 321 8.80 0.65 -30.34
N ASP B 322 7.59 0.11 -30.28
CA ASP B 322 6.48 0.68 -31.04
C ASP B 322 6.11 2.07 -30.55
N LEU B 323 6.25 2.34 -29.25
CA LEU B 323 5.95 3.66 -28.73
C LEU B 323 6.94 4.69 -29.24
N VAL B 324 8.22 4.35 -29.34
CA VAL B 324 9.28 5.29 -29.63
C VAL B 324 9.84 5.11 -31.03
N HIS B 325 9.13 4.36 -31.87
CA HIS B 325 9.59 3.96 -33.21
C HIS B 325 10.28 5.06 -34.02
N ASP B 327 13.15 4.39 -32.49
CA ASP B 327 14.41 4.73 -31.83
C ASP B 327 15.01 3.55 -31.07
N ALA B 328 14.16 2.61 -30.67
CA ALA B 328 14.62 1.48 -29.86
C ALA B 328 14.95 0.27 -30.71
N GLN B 329 15.09 0.45 -32.02
CA GLN B 329 15.30 -0.68 -32.92
C GLN B 329 16.59 -1.43 -32.59
N ASP B 330 17.67 -0.71 -32.29
CA ASP B 330 18.94 -1.37 -32.00
C ASP B 330 18.86 -2.17 -30.70
N ILE B 331 18.07 -1.69 -29.74
CA ILE B 331 17.88 -2.42 -28.49
C ILE B 331 17.08 -3.70 -28.73
N LEU B 332 15.99 -3.58 -29.50
CA LEU B 332 15.17 -4.76 -29.78
C LEU B 332 15.94 -5.79 -30.59
N ASP B 333 16.77 -5.32 -31.54
CA ASP B 333 17.62 -6.22 -32.33
C ASP B 333 18.54 -7.04 -31.44
N THR B 334 19.17 -6.38 -30.46
CA THR B 334 20.06 -7.08 -29.54
C THR B 334 19.30 -8.12 -28.72
N LEU B 335 18.11 -7.77 -28.24
CA LEU B 335 17.28 -8.73 -27.52
C LEU B 335 16.97 -9.97 -28.38
N GLU B 336 16.63 -9.75 -29.65
CA GLU B 336 16.28 -10.88 -30.50
C GLU B 336 17.52 -11.71 -30.84
N ASP B 337 18.67 -11.05 -31.03
CA ASP B 337 19.94 -11.77 -31.19
C ASP B 337 20.24 -12.63 -29.98
N ASN B 338 19.99 -12.09 -28.77
CA ASN B 338 20.36 -12.81 -27.56
C ASN B 338 19.44 -13.99 -27.33
N ARG B 339 18.16 -13.83 -27.68
CA ARG B 339 17.22 -14.93 -27.58
C ARG B 339 17.63 -16.05 -28.54
N GLU B 340 17.99 -15.69 -29.78
CA GLU B 340 18.44 -16.70 -30.72
C GLU B 340 19.65 -17.46 -30.19
N TRP B 341 20.59 -16.76 -29.57
CA TRP B 341 21.77 -17.43 -29.04
C TRP B 341 21.41 -18.35 -27.88
N TYR B 342 20.64 -17.86 -26.91
CA TYR B 342 20.29 -18.74 -25.79
C TYR B 342 19.56 -19.99 -26.29
N GLN B 343 18.64 -19.83 -27.26
CA GLN B 343 17.98 -21.00 -27.83
C GLN B 343 18.98 -21.99 -28.42
N SER B 344 20.05 -21.48 -29.05
CA SER B 344 21.04 -22.37 -29.66
C SER B 344 21.86 -23.13 -28.62
N THR B 345 21.90 -22.65 -27.37
CA THR B 345 22.62 -23.37 -26.32
C THR B 345 21.78 -24.48 -25.71
N ILE B 346 20.52 -24.63 -26.13
CA ILE B 346 19.72 -25.78 -25.75
C ILE B 346 19.91 -26.91 -26.76
ZN ZN C . -12.76 4.27 12.32
MG MG D . -9.66 4.72 10.25
C4 JN0 E . -18.92 11.13 13.65
C14 JN0 E . -12.73 11.24 8.88
C5 JN0 E . -18.01 11.32 12.64
C6 JN0 E . -17.85 12.53 11.95
C11 JN0 E . -15.28 12.17 8.34
C7 JN0 E . -16.28 10.41 11.35
C8 JN0 E . -16.06 11.52 10.61
C9 JN0 E . -16.88 12.70 10.90
C10 JN0 E . -15.01 11.59 9.57
C12 JN0 E . -14.31 12.26 7.35
C13 JN0 E . -13.03 11.79 7.63
C3 JN0 E . -19.74 12.19 14.00
C1 JN0 E . -18.71 13.60 12.33
C15 JN0 E . -13.71 11.15 9.85
C16 JN0 E . -14.64 12.85 6.00
C17 JN0 E . -13.81 14.04 5.62
C18 JN0 E . -14.23 15.19 5.11
C19 JN0 E . -13.29 16.26 4.64
C2 JN0 E . -19.64 13.43 13.33
C20 JN0 E . -15.68 15.51 4.93
O1 JN0 E . -17.20 10.25 12.32
O2 JN0 E . -16.73 13.77 10.29
O3 JN0 E . -18.59 14.78 11.69
O4 JN0 E . -20.66 12.06 15.00
O5 JN0 E . -11.46 10.80 9.11
O6 JN0 E . -12.03 11.86 6.71
C1 EDO F . -9.82 15.84 9.13
O1 EDO F . -9.37 15.10 7.98
C2 EDO F . -11.19 16.42 8.82
O2 EDO F . -11.13 17.18 7.61
C1 EDO G . -4.34 -7.95 0.35
O1 EDO G . -5.12 -8.23 -0.81
C2 EDO G . -2.93 -8.47 0.19
O2 EDO G . -2.98 -9.90 0.25
ZN ZN H . 15.44 -3.90 -10.02
MG MG I . 12.71 -4.36 -7.48
C4 JN0 J . 18.26 -10.81 -15.57
C14 JN0 J . 12.12 -10.75 -10.77
C5 JN0 J . 17.06 -11.03 -14.92
C6 JN0 J . 16.42 -12.26 -14.91
C11 JN0 J . 12.31 -12.14 -13.15
C7 JN0 J . 15.35 -10.14 -13.58
C8 JN0 J . 14.64 -11.28 -13.53
C9 JN0 J . 15.17 -12.46 -14.21
C10 JN0 J . 13.38 -11.35 -12.74
C12 JN0 J . 11.14 -12.25 -12.41
C13 JN0 J . 11.06 -11.54 -11.21
C3 JN0 J . 18.84 -11.88 -16.24
C1 JN0 J . 17.03 -13.34 -15.61
C15 JN0 J . 13.28 -10.67 -11.52
C16 JN0 J . 9.98 -13.08 -12.92
C17 JN0 J . 9.42 -14.05 -11.92
C18 JN0 J . 8.98 -15.27 -12.14
C19 JN0 J . 8.40 -16.13 -11.06
C2 JN0 J . 18.23 -13.15 -16.26
C20 JN0 J . 9.02 -15.92 -13.50
O1 JN0 J . 16.52 -9.96 -14.26
O2 JN0 J . 14.61 -13.58 -14.20
O3 JN0 J . 16.43 -14.54 -15.60
O4 JN0 J . 20.02 -11.70 -16.87
O5 JN0 J . 12.01 -10.08 -9.59
O6 JN0 J . 9.94 -11.58 -10.46
C1 EDO K . 11.98 -16.09 -9.02
O1 EDO K . 10.85 -16.99 -9.11
C2 EDO K . 12.06 -15.44 -7.66
O2 EDO K . 10.82 -14.77 -7.39
C1 EDO L . 28.29 -21.47 -25.53
O1 EDO L . 29.21 -20.63 -24.83
C2 EDO L . 29.01 -22.04 -26.75
O2 EDO L . 29.74 -20.99 -27.41
C1 EDO M . 1.12 7.74 -4.44
O1 EDO M . 0.90 8.50 -5.63
C2 EDO M . 1.52 8.65 -3.29
O2 EDO M . 0.92 9.94 -3.47
#